data_4JJK
#
_entry.id   4JJK
#
_cell.length_a   160.948
_cell.length_b   160.948
_cell.length_c   256.532
_cell.angle_alpha   90.00
_cell.angle_beta   90.00
_cell.angle_gamma   120.00
#
_symmetry.space_group_name_H-M   'H 3 2'
#
loop_
_entity.id
_entity.type
_entity.pdbx_description
1 polymer 'Formate--tetrahydrofolate ligase'
2 non-polymer 'FOLIC ACID'
3 non-polymer 1,2-ETHANEDIOL
4 non-polymer 2-[2-(2-METHOXY-ETHOXY)-ETHOXY]-ETHOXYL
5 non-polymer 'SULFATE ION'
6 water water
#
_entity_poly.entity_id   1
_entity_poly.type   'polypeptide(L)'
_entity_poly.pdbx_seq_one_letter_code
;MSKVPSDIEIAQAAKMKPVMELARGLGIQEDEVELYGKYKAKISLDVYRRLKDKPDGKLILVTAITPTPAGEGKTTTSVG
LTDALARLGKRVMVCLREPSLGPSFGIKGGAAGGGYAQVVPMEDINLHFTGDIHAVTYAHNLLAAMVDNHLQQGNVLNID
PRTITWRRVIDLNDRALRNIVIGLGGKANGVPRETGFDISVASEVMACLCLASDLMDLKERFSRIVVGYTYDGKPVTAGD
LEAQGSMALLMKDAIKPNLVQTLENTPAFIHGGPFANIAHGCNSIIATKTALKLADYVVTEAGFGADLGAEKFYDVKCRY
AGFKPDATVIVATVRALKMHGGVPKSDLATENLEALREGFANLEKHIENIGKFGVPAVVAINAFPTDTEAELNLLYELCA
KAGAEVALSEVWAKGGEGGLELARKVLQTLESRPSNFHVLYNLDLSIKDKIAKIATEIYGADGVNYTAEADKAIQRYESL
GYGNLPVVMAKTQYSFSDDMTKLGRPRNFTITVREVRLSAGAGFIVPITGAIMTMPGLPKRPAACNIDIDADGVITGLF
;
_entity_poly.pdbx_strand_id   A,B
#
# COMPACT_ATOMS: atom_id res chain seq x y z
N LYS A 3 -24.89 -29.21 -5.61
CA LYS A 3 -24.94 -29.18 -4.11
C LYS A 3 -24.07 -28.05 -3.56
N VAL A 4 -22.77 -28.11 -3.91
CA VAL A 4 -21.70 -27.25 -3.36
C VAL A 4 -21.99 -25.75 -3.57
N PRO A 5 -22.15 -24.98 -2.48
CA PRO A 5 -22.22 -23.53 -2.62
C PRO A 5 -21.04 -22.97 -3.40
N SER A 6 -21.18 -21.75 -3.90
CA SER A 6 -20.07 -21.14 -4.62
C SER A 6 -18.95 -20.90 -3.62
N ASP A 7 -17.80 -20.50 -4.14
CA ASP A 7 -16.59 -20.31 -3.32
C ASP A 7 -16.68 -19.15 -2.35
N ILE A 8 -17.06 -17.97 -2.80
CA ILE A 8 -17.22 -16.85 -1.86
C ILE A 8 -18.32 -17.15 -0.80
N GLU A 9 -19.43 -17.75 -1.24
CA GLU A 9 -20.49 -18.16 -0.31
C GLU A 9 -19.90 -18.99 0.87
N ILE A 10 -19.08 -19.99 0.55
CA ILE A 10 -18.47 -20.86 1.58
C ILE A 10 -17.57 -20.07 2.54
N ALA A 11 -16.84 -19.11 2.00
CA ALA A 11 -15.97 -18.28 2.81
C ALA A 11 -16.74 -17.36 3.79
N GLN A 12 -17.96 -16.92 3.44
CA GLN A 12 -18.77 -16.12 4.39
C GLN A 12 -19.15 -17.02 5.60
N ALA A 13 -19.85 -18.12 5.31
CA ALA A 13 -20.35 -19.06 6.34
C ALA A 13 -19.29 -19.94 7.08
N ALA A 14 -18.00 -19.65 6.94
CA ALA A 14 -16.97 -20.30 7.75
C ALA A 14 -17.13 -19.74 9.15
N LYS A 15 -17.02 -20.60 10.16
CA LYS A 15 -16.89 -20.13 11.52
C LYS A 15 -15.39 -20.13 11.78
N MET A 16 -14.80 -18.95 11.93
CA MET A 16 -13.37 -18.86 12.14
C MET A 16 -13.03 -18.69 13.59
N LYS A 17 -12.03 -19.42 14.05
CA LYS A 17 -11.52 -19.25 15.41
C LYS A 17 -10.64 -17.98 15.50
N PRO A 18 -10.67 -17.27 16.64
CA PRO A 18 -9.69 -16.18 16.86
C PRO A 18 -8.23 -16.66 16.72
N VAL A 19 -7.45 -16.03 15.87
CA VAL A 19 -6.12 -16.58 15.57
C VAL A 19 -5.21 -16.62 16.78
N MET A 20 -5.40 -15.68 17.69
CA MET A 20 -4.70 -15.67 18.99
C MET A 20 -4.76 -17.03 19.69
N GLU A 21 -5.95 -17.66 19.65
CA GLU A 21 -6.12 -19.03 20.17
C GLU A 21 -5.27 -20.08 19.46
N LEU A 22 -5.32 -20.05 18.13
CA LEU A 22 -4.57 -21.00 17.32
C LEU A 22 -3.10 -20.89 17.61
N ALA A 23 -2.67 -19.66 17.83
CA ALA A 23 -1.29 -19.35 18.13
C ALA A 23 -0.87 -19.86 19.53
N ARG A 24 -1.64 -19.61 20.58
CA ARG A 24 -1.28 -20.22 21.86
C ARG A 24 -1.33 -21.77 21.70
N GLY A 25 -2.21 -22.28 20.86
CA GLY A 25 -2.29 -23.74 20.63
C GLY A 25 -1.01 -24.33 20.07
N LEU A 26 -0.35 -23.57 19.21
CA LEU A 26 0.89 -23.98 18.61
C LEU A 26 2.08 -23.75 19.54
N GLY A 27 1.87 -23.01 20.62
CA GLY A 27 2.92 -22.73 21.62
C GLY A 27 3.56 -21.37 21.46
N ILE A 28 2.85 -20.47 20.82
CA ILE A 28 3.29 -19.11 20.58
C ILE A 28 2.72 -18.28 21.71
N GLN A 29 3.56 -17.42 22.27
CA GLN A 29 3.16 -16.48 23.29
C GLN A 29 2.36 -15.28 22.75
N GLU A 30 1.58 -14.63 23.62
CA GLU A 30 0.83 -13.41 23.27
C GLU A 30 1.74 -12.29 22.78
N ASP A 31 2.91 -12.13 23.39
CA ASP A 31 3.82 -11.03 23.00
C ASP A 31 4.60 -11.26 21.68
N GLU A 32 4.38 -12.39 21.04
CA GLU A 32 4.89 -12.64 19.71
C GLU A 32 3.74 -12.49 18.71
N VAL A 33 2.57 -12.03 19.17
CA VAL A 33 1.40 -11.92 18.30
C VAL A 33 0.94 -10.47 18.09
N GLU A 34 1.06 -9.94 16.87
CA GLU A 34 0.42 -8.66 16.50
C GLU A 34 -0.81 -8.92 15.64
N LEU A 35 -1.96 -8.84 16.28
CA LEU A 35 -3.24 -8.97 15.62
C LEU A 35 -3.50 -7.90 14.55
N TYR A 36 -4.19 -8.32 13.48
CA TYR A 36 -4.79 -7.46 12.45
C TYR A 36 -6.26 -7.85 12.40
N GLY A 37 -7.07 -7.24 13.26
CA GLY A 37 -8.40 -7.75 13.57
C GLY A 37 -8.16 -9.01 14.38
N LYS A 38 -9.20 -9.83 14.54
CA LYS A 38 -9.09 -11.04 15.36
C LYS A 38 -8.78 -12.32 14.58
N TYR A 39 -8.95 -12.31 13.26
CA TYR A 39 -8.74 -13.49 12.42
C TYR A 39 -7.47 -13.45 11.58
N LYS A 40 -6.58 -12.50 11.88
CA LYS A 40 -5.24 -12.47 11.25
C LYS A 40 -4.21 -12.01 12.26
N ALA A 41 -3.01 -12.57 12.21
CA ALA A 41 -1.95 -12.12 13.08
C ALA A 41 -0.62 -12.21 12.38
N LYS A 42 0.37 -11.53 12.97
CA LYS A 42 1.71 -11.52 12.44
C LYS A 42 2.63 -12.07 13.51
N ILE A 43 3.37 -13.13 13.19
CA ILE A 43 4.10 -13.84 14.23
C ILE A 43 5.55 -13.42 14.30
N SER A 44 6.07 -13.18 15.50
CA SER A 44 7.47 -12.73 15.60
C SER A 44 8.51 -13.70 15.01
N LEU A 45 9.66 -13.19 14.56
CA LEU A 45 10.78 -14.07 14.21
C LEU A 45 11.45 -14.67 15.46
N ASP A 46 11.09 -14.15 16.64
CA ASP A 46 11.64 -14.65 17.89
C ASP A 46 11.16 -16.05 18.26
N VAL A 47 10.01 -16.44 17.72
CA VAL A 47 9.48 -17.80 17.85
C VAL A 47 10.45 -18.80 17.24
N TYR A 48 10.87 -18.51 16.02
CA TYR A 48 11.88 -19.33 15.40
C TYR A 48 13.16 -19.34 16.24
N ARG A 49 13.59 -18.17 16.72
CA ARG A 49 14.88 -18.05 17.37
C ARG A 49 14.94 -18.84 18.66
N ARG A 50 13.81 -18.89 19.39
CA ARG A 50 13.79 -19.64 20.62
C ARG A 50 13.59 -21.13 20.38
N LEU A 51 13.06 -21.50 19.23
CA LEU A 51 12.92 -22.92 18.91
C LEU A 51 13.94 -23.44 17.88
N LYS A 52 14.93 -22.60 17.54
CA LYS A 52 16.00 -22.96 16.58
C LYS A 52 16.52 -24.39 16.73
N ASP A 53 16.71 -24.83 17.97
CA ASP A 53 17.30 -26.13 18.26
C ASP A 53 16.32 -27.31 18.25
N LYS A 54 15.00 -27.05 18.32
CA LYS A 54 14.00 -28.11 18.11
C LYS A 54 14.20 -28.75 16.74
N PRO A 55 13.75 -29.99 16.60
CA PRO A 55 13.78 -30.62 15.28
C PRO A 55 12.61 -30.18 14.40
N ASP A 56 12.78 -30.33 13.10
CA ASP A 56 11.76 -29.94 12.14
C ASP A 56 10.65 -30.96 12.03
N GLY A 57 9.44 -30.49 11.78
CA GLY A 57 8.37 -31.39 11.43
C GLY A 57 8.74 -32.09 10.15
N LYS A 58 7.82 -32.86 9.60
CA LYS A 58 7.98 -33.36 8.24
C LYS A 58 7.56 -32.28 7.26
N LEU A 59 8.26 -32.25 6.12
CA LEU A 59 7.99 -31.33 5.03
C LEU A 59 7.42 -32.05 3.81
N ILE A 60 6.23 -31.63 3.43
CA ILE A 60 5.48 -32.19 2.33
C ILE A 60 5.25 -31.08 1.33
N LEU A 61 5.86 -31.24 0.15
CA LEU A 61 5.66 -30.30 -0.93
C LEU A 61 4.48 -30.73 -1.78
N VAL A 62 3.57 -29.79 -2.03
CA VAL A 62 2.54 -30.03 -3.03
C VAL A 62 2.88 -29.39 -4.36
N THR A 63 2.84 -30.19 -5.42
CA THR A 63 3.03 -29.68 -6.77
C THR A 63 1.93 -30.20 -7.70
N ALA A 64 2.17 -30.06 -9.01
CA ALA A 64 1.19 -30.40 -10.04
C ALA A 64 1.82 -30.71 -11.36
N ILE A 65 1.13 -31.50 -12.17
CA ILE A 65 1.49 -31.70 -13.55
C ILE A 65 1.35 -30.39 -14.33
N THR A 66 1.78 -30.43 -15.61
CA THR A 66 1.82 -29.27 -16.50
C THR A 66 0.46 -28.60 -16.61
N PRO A 67 0.35 -27.33 -16.20
CA PRO A 67 -0.90 -26.59 -16.34
C PRO A 67 -1.57 -26.60 -17.73
N THR A 68 -2.85 -26.31 -17.76
CA THR A 68 -3.67 -26.41 -18.95
C THR A 68 -4.89 -25.52 -18.85
N PRO A 69 -5.51 -25.18 -19.98
CA PRO A 69 -6.92 -24.75 -19.98
C PRO A 69 -7.84 -25.55 -19.03
N ALA A 70 -7.78 -26.88 -19.09
CA ALA A 70 -8.63 -27.74 -18.26
C ALA A 70 -8.59 -27.45 -16.76
N GLY A 71 -7.53 -26.80 -16.26
CA GLY A 71 -7.37 -26.50 -14.83
C GLY A 71 -7.10 -27.77 -14.02
N GLU A 72 -6.29 -27.64 -12.96
CA GLU A 72 -5.84 -28.81 -12.15
C GLU A 72 -6.01 -28.66 -10.62
N GLY A 73 -6.07 -27.40 -10.13
CA GLY A 73 -6.30 -27.11 -8.71
C GLY A 73 -5.24 -27.64 -7.74
N LYS A 74 -4.17 -26.85 -7.57
CA LYS A 74 -3.07 -27.27 -6.70
C LYS A 74 -3.30 -26.90 -5.23
N THR A 75 -3.66 -25.65 -4.96
CA THR A 75 -3.87 -25.15 -3.60
C THR A 75 -5.13 -25.73 -2.93
N THR A 76 -6.15 -25.97 -3.71
CA THR A 76 -7.30 -26.66 -3.20
C THR A 76 -6.83 -27.97 -2.60
N THR A 77 -5.88 -28.66 -3.26
CA THR A 77 -5.39 -29.97 -2.77
C THR A 77 -4.56 -29.80 -1.51
N SER A 78 -3.66 -28.82 -1.53
CA SER A 78 -2.84 -28.47 -0.35
C SER A 78 -3.64 -28.18 0.92
N VAL A 79 -4.69 -27.38 0.82
CA VAL A 79 -5.46 -27.00 2.01
C VAL A 79 -6.18 -28.24 2.54
N GLY A 80 -6.84 -28.95 1.64
CA GLY A 80 -7.62 -30.12 1.99
C GLY A 80 -6.76 -31.30 2.30
N LEU A 81 -5.50 -31.28 1.87
CA LEU A 81 -4.55 -32.25 2.39
C LEU A 81 -4.26 -31.94 3.87
N THR A 82 -4.08 -30.65 4.17
CA THR A 82 -3.74 -30.17 5.51
C THR A 82 -4.86 -30.50 6.49
N ASP A 83 -6.08 -30.25 6.06
CA ASP A 83 -7.27 -30.55 6.84
C ASP A 83 -7.44 -32.04 7.08
N ALA A 84 -7.19 -32.86 6.07
CA ALA A 84 -7.28 -34.30 6.28
C ALA A 84 -6.26 -34.69 7.34
N LEU A 85 -5.05 -34.16 7.25
CA LEU A 85 -4.02 -34.46 8.26
C LEU A 85 -4.43 -34.13 9.71
N ALA A 86 -5.09 -33.00 9.85
CA ALA A 86 -5.62 -32.54 11.12
C ALA A 86 -6.74 -33.44 11.68
N ARG A 87 -7.65 -33.86 10.80
CA ARG A 87 -8.69 -34.85 11.15
C ARG A 87 -8.10 -36.17 11.65
N LEU A 88 -6.95 -36.56 11.14
CA LEU A 88 -6.25 -37.75 11.66
C LEU A 88 -5.42 -37.46 12.94
N GLY A 89 -5.62 -36.30 13.57
CA GLY A 89 -4.97 -36.01 14.85
C GLY A 89 -3.55 -35.47 14.75
N LYS A 90 -3.08 -35.26 13.53
CA LYS A 90 -1.73 -34.80 13.31
C LYS A 90 -1.67 -33.30 13.52
N ARG A 91 -0.50 -32.88 13.98
CA ARG A 91 -0.21 -31.52 14.36
C ARG A 91 0.52 -30.93 13.17
N VAL A 92 -0.19 -30.06 12.45
CA VAL A 92 0.14 -29.66 11.07
C VAL A 92 -0.23 -28.21 10.79
N MET A 93 0.53 -27.58 9.90
CA MET A 93 0.18 -26.29 9.35
C MET A 93 0.37 -26.36 7.84
N VAL A 94 -0.26 -25.46 7.11
CA VAL A 94 0.05 -25.27 5.69
C VAL A 94 0.63 -23.87 5.46
N CYS A 95 1.60 -23.73 4.56
CA CYS A 95 2.16 -22.43 4.24
C CYS A 95 1.94 -22.16 2.75
N LEU A 96 1.52 -20.95 2.42
CA LEU A 96 0.99 -20.62 1.10
C LEU A 96 1.36 -19.21 0.77
N ARG A 97 1.24 -18.87 -0.52
CA ARG A 97 1.63 -17.55 -1.03
C ARG A 97 0.50 -16.56 -0.98
N GLU A 98 0.80 -15.27 -0.79
CA GLU A 98 -0.24 -14.25 -0.83
C GLU A 98 -0.51 -13.96 -2.32
N PRO A 99 -1.82 -13.88 -2.71
CA PRO A 99 -2.17 -13.44 -4.08
C PRO A 99 -1.92 -11.96 -4.36
N SER A 100 -1.58 -11.67 -5.62
CA SER A 100 -1.39 -10.30 -6.10
C SER A 100 -2.76 -9.71 -6.14
N LEU A 101 -2.85 -8.44 -5.76
CA LEU A 101 -4.12 -7.73 -5.70
C LEU A 101 -4.70 -7.59 -7.10
N GLY A 102 -3.85 -7.21 -8.05
CA GLY A 102 -4.28 -6.94 -9.41
C GLY A 102 -5.32 -7.85 -10.03
N PRO A 103 -5.04 -9.15 -10.12
CA PRO A 103 -6.01 -10.10 -10.72
C PRO A 103 -7.43 -9.98 -10.17
N SER A 104 -7.59 -9.67 -8.88
CA SER A 104 -8.93 -9.42 -8.34
C SER A 104 -9.79 -8.49 -9.24
N PHE A 105 -9.17 -7.58 -9.99
CA PHE A 105 -9.93 -6.58 -10.78
C PHE A 105 -9.97 -6.83 -12.30
N GLY A 106 -9.18 -7.81 -12.76
CA GLY A 106 -9.12 -8.19 -14.17
C GLY A 106 -9.98 -9.41 -14.47
N ILE A 107 -9.43 -10.59 -14.15
CA ILE A 107 -10.13 -11.84 -14.46
C ILE A 107 -10.64 -12.47 -13.17
N LYS A 108 -9.73 -12.71 -12.22
CA LYS A 108 -10.03 -13.44 -10.97
C LYS A 108 -11.01 -12.58 -10.12
N GLY A 109 -10.89 -12.47 -8.79
CA GLY A 109 -10.09 -13.34 -7.92
C GLY A 109 -10.85 -14.59 -7.51
N GLY A 110 -10.17 -15.45 -6.77
CA GLY A 110 -10.74 -16.70 -6.31
C GLY A 110 -10.11 -17.10 -5.00
N ALA A 111 -10.70 -18.11 -4.37
CA ALA A 111 -10.31 -18.49 -3.04
C ALA A 111 -8.85 -18.97 -2.96
N ALA A 112 -8.27 -18.85 -1.76
CA ALA A 112 -6.99 -19.49 -1.46
C ALA A 112 -7.33 -20.95 -1.27
N GLY A 113 -7.24 -21.72 -2.36
CA GLY A 113 -7.83 -23.05 -2.44
C GLY A 113 -9.13 -22.92 -3.22
N GLY A 114 -10.17 -23.60 -2.77
CA GLY A 114 -11.44 -23.60 -3.50
C GLY A 114 -12.45 -24.50 -2.83
N GLY A 115 -13.72 -24.32 -3.19
CA GLY A 115 -14.81 -25.04 -2.55
C GLY A 115 -14.68 -25.12 -1.04
N TYR A 116 -14.61 -26.35 -0.53
CA TYR A 116 -14.56 -26.57 0.92
C TYR A 116 -13.18 -26.65 1.50
N ALA A 117 -12.18 -26.36 0.67
CA ALA A 117 -10.78 -26.38 1.04
C ALA A 117 -10.25 -25.00 0.78
N GLN A 118 -10.31 -24.15 1.79
CA GLN A 118 -9.86 -22.77 1.67
C GLN A 118 -9.15 -22.34 2.89
N VAL A 119 -8.26 -21.36 2.74
CA VAL A 119 -7.77 -20.55 3.83
C VAL A 119 -8.56 -19.25 3.85
N VAL A 120 -8.69 -18.67 5.04
CA VAL A 120 -9.60 -17.52 5.25
C VAL A 120 -9.07 -16.55 6.33
N PRO A 121 -9.60 -15.28 6.39
CA PRO A 121 -10.65 -14.62 5.58
C PRO A 121 -10.26 -14.40 4.11
N MET A 122 -11.15 -14.83 3.21
CA MET A 122 -10.85 -14.85 1.76
C MET A 122 -10.58 -13.47 1.19
N GLU A 123 -11.44 -12.53 1.61
CA GLU A 123 -11.57 -11.20 1.04
C GLU A 123 -10.41 -10.30 1.46
N ASP A 124 -9.85 -10.54 2.63
CA ASP A 124 -8.72 -9.74 3.11
C ASP A 124 -7.46 -10.23 2.40
N ILE A 125 -7.34 -11.55 2.25
CA ILE A 125 -6.21 -12.20 1.55
C ILE A 125 -6.06 -11.80 0.06
N ASN A 126 -7.18 -11.48 -0.58
CA ASN A 126 -7.18 -11.12 -1.98
C ASN A 126 -6.97 -9.66 -2.20
N LEU A 127 -7.04 -8.87 -1.13
CA LEU A 127 -6.91 -7.42 -1.22
C LEU A 127 -5.62 -6.99 -0.53
N HIS A 128 -5.69 -6.15 0.52
CA HIS A 128 -4.47 -5.60 1.11
C HIS A 128 -3.86 -6.55 2.14
N PHE A 129 -4.64 -7.55 2.57
CA PHE A 129 -4.27 -8.52 3.63
C PHE A 129 -3.63 -7.79 4.83
N THR A 130 -2.34 -8.00 5.10
CA THR A 130 -1.65 -7.36 6.23
C THR A 130 -0.64 -6.32 5.81
N GLY A 131 -0.65 -5.98 4.52
CA GLY A 131 0.19 -4.90 3.95
C GLY A 131 1.55 -5.30 3.38
N ASP A 132 1.81 -6.61 3.34
CA ASP A 132 3.07 -7.13 2.86
C ASP A 132 3.38 -6.61 1.44
N ILE A 133 2.38 -6.52 0.57
CA ILE A 133 2.69 -6.12 -0.82
C ILE A 133 2.88 -4.60 -0.95
N HIS A 134 2.16 -3.80 -0.17
CA HIS A 134 2.48 -2.37 -0.16
C HIS A 134 3.88 -2.14 0.42
N ALA A 135 4.23 -2.87 1.47
CA ALA A 135 5.60 -2.84 1.96
C ALA A 135 6.56 -3.07 0.79
N VAL A 136 6.36 -4.14 0.03
CA VAL A 136 7.26 -4.43 -1.10
C VAL A 136 7.22 -3.32 -2.17
N THR A 137 6.00 -2.93 -2.57
CA THR A 137 5.80 -1.86 -3.54
C THR A 137 6.62 -0.61 -3.19
N TYR A 138 6.58 -0.18 -1.93
CA TYR A 138 7.27 1.06 -1.51
C TYR A 138 8.78 0.95 -1.22
N ALA A 139 9.23 -0.26 -0.93
CA ALA A 139 10.64 -0.54 -0.77
C ALA A 139 11.28 -0.51 -2.13
N HIS A 140 10.64 -1.20 -3.06
CA HIS A 140 11.08 -1.21 -4.47
C HIS A 140 11.17 0.19 -5.08
N ASN A 141 10.09 0.96 -4.89
CA ASN A 141 9.96 2.25 -5.56
C ASN A 141 10.85 3.32 -4.93
N LEU A 142 11.12 3.19 -3.63
CA LEU A 142 12.06 4.11 -2.96
C LEU A 142 13.44 4.07 -3.59
N LEU A 143 13.94 2.86 -3.81
CA LEU A 143 15.20 2.64 -4.54
C LEU A 143 15.20 3.24 -5.96
N ALA A 144 14.15 2.95 -6.71
CA ALA A 144 13.96 3.56 -7.99
C ALA A 144 14.11 5.08 -7.81
N ALA A 145 13.40 5.63 -6.80
CA ALA A 145 13.38 7.07 -6.59
C ALA A 145 14.71 7.58 -6.06
N MET A 146 15.46 6.72 -5.36
CA MET A 146 16.85 7.02 -4.99
C MET A 146 17.83 6.99 -6.20
N VAL A 147 17.67 6.02 -7.09
CA VAL A 147 18.45 5.98 -8.30
C VAL A 147 18.20 7.28 -9.03
N ASP A 148 16.93 7.61 -9.25
CA ASP A 148 16.60 8.81 -10.03
C ASP A 148 17.08 10.10 -9.40
N ASN A 149 16.99 10.20 -8.08
CA ASN A 149 17.52 11.37 -7.39
C ASN A 149 19.03 11.44 -7.48
N HIS A 150 19.65 10.30 -7.48
CA HIS A 150 21.09 10.29 -7.60
C HIS A 150 21.58 11.02 -8.84
N LEU A 151 20.97 10.70 -9.97
CA LEU A 151 21.36 11.30 -11.25
C LEU A 151 21.12 12.77 -11.06
N GLN A 152 19.93 13.14 -10.61
CA GLN A 152 19.56 14.56 -10.48
C GLN A 152 20.56 15.41 -9.71
N GLN A 153 21.24 14.82 -8.73
CA GLN A 153 22.18 15.58 -7.92
C GLN A 153 23.63 15.54 -8.42
N GLY A 154 23.87 15.36 -9.70
CA GLY A 154 25.23 15.39 -10.23
C GLY A 154 25.85 14.03 -10.46
N ASN A 155 25.10 12.97 -10.23
CA ASN A 155 25.49 11.63 -10.71
C ASN A 155 26.94 11.22 -10.38
N VAL A 156 27.28 11.33 -9.09
CA VAL A 156 28.61 10.97 -8.53
C VAL A 156 29.11 9.55 -8.84
N LEU A 157 28.20 8.60 -8.88
CA LEU A 157 28.56 7.21 -9.08
C LEU A 157 28.80 7.01 -10.55
N ASN A 158 28.45 8.04 -11.32
CA ASN A 158 28.73 8.09 -12.73
C ASN A 158 28.03 6.91 -13.43
N ILE A 159 26.76 6.76 -13.09
CA ILE A 159 25.86 5.82 -13.73
C ILE A 159 25.57 6.24 -15.19
N ASP A 160 25.33 5.26 -16.05
CA ASP A 160 24.74 5.49 -17.36
C ASP A 160 23.24 5.20 -17.23
N PRO A 161 22.38 6.25 -17.29
CA PRO A 161 20.94 6.06 -17.10
C PRO A 161 20.26 5.09 -18.06
N ARG A 162 20.94 4.73 -19.12
CA ARG A 162 20.36 3.89 -20.15
C ARG A 162 20.66 2.46 -19.86
N THR A 163 21.52 2.22 -18.88
CA THR A 163 21.88 0.85 -18.43
C THR A 163 21.08 0.39 -17.20
N ILE A 164 20.17 1.26 -16.73
CA ILE A 164 19.41 1.00 -15.52
C ILE A 164 18.41 -0.16 -15.67
N THR A 165 18.58 -1.20 -14.87
CA THR A 165 17.71 -2.36 -14.92
C THR A 165 16.63 -2.35 -13.83
N TRP A 166 16.84 -1.58 -12.77
CA TRP A 166 15.87 -1.50 -11.72
C TRP A 166 14.66 -0.71 -12.16
N ARG A 167 13.55 -1.43 -12.32
CA ARG A 167 12.33 -0.84 -12.86
C ARG A 167 11.49 -0.40 -11.68
N ARG A 168 10.31 0.14 -11.93
CA ARG A 168 9.35 0.42 -10.89
C ARG A 168 8.36 -0.74 -10.81
N VAL A 169 7.54 -0.74 -9.75
CA VAL A 169 6.46 -1.70 -9.59
C VAL A 169 5.19 -1.04 -9.09
N ILE A 170 4.04 -1.62 -9.51
CA ILE A 170 2.70 -1.34 -8.99
C ILE A 170 1.92 -2.66 -9.04
N ASP A 171 1.04 -2.88 -8.07
CA ASP A 171 0.33 -4.18 -7.97
C ASP A 171 -1.04 -4.23 -8.70
N LEU A 172 -1.06 -3.72 -9.92
CA LEU A 172 -2.24 -3.73 -10.76
C LEU A 172 -1.82 -4.21 -12.13
N ASN A 173 -2.76 -4.77 -12.88
CA ASN A 173 -2.47 -5.18 -14.26
C ASN A 173 -2.65 -3.99 -15.18
N ASP A 174 -1.56 -3.29 -15.43
CA ASP A 174 -1.62 -2.03 -16.16
C ASP A 174 -0.53 -2.04 -17.21
N ARG A 175 -0.91 -2.41 -18.42
CA ARG A 175 0.02 -2.61 -19.54
C ARG A 175 0.68 -1.32 -20.03
N ALA A 176 -0.07 -0.23 -20.00
CA ALA A 176 0.41 1.08 -20.43
C ALA A 176 1.61 1.55 -19.65
N LEU A 177 1.93 0.87 -18.55
CA LEU A 177 3.07 1.27 -17.73
C LEU A 177 4.28 0.38 -18.02
N ARG A 178 4.14 -0.54 -18.98
CA ARG A 178 5.23 -1.43 -19.34
C ARG A 178 6.47 -0.69 -19.86
N ASN A 179 6.27 0.30 -20.71
CA ASN A 179 7.37 1.05 -21.36
C ASN A 179 7.07 2.54 -21.37
N ILE A 180 7.72 3.28 -20.49
CA ILE A 180 7.43 4.68 -20.29
C ILE A 180 8.71 5.46 -20.49
N VAL A 181 8.62 6.78 -20.53
CA VAL A 181 9.82 7.63 -20.44
C VAL A 181 9.65 8.56 -19.27
N ILE A 182 10.59 8.52 -18.35
CA ILE A 182 10.50 9.39 -17.17
C ILE A 182 11.49 10.55 -17.26
N GLY A 183 11.45 11.40 -16.22
CA GLY A 183 12.39 12.51 -16.06
C GLY A 183 12.29 13.63 -17.08
N LEU A 184 11.09 13.84 -17.60
CA LEU A 184 10.85 14.93 -18.55
C LEU A 184 10.44 16.24 -17.84
N GLY A 185 10.54 17.34 -18.58
CA GLY A 185 10.17 18.65 -18.08
C GLY A 185 11.33 19.61 -17.89
N GLY A 186 12.56 19.15 -17.99
CA GLY A 186 13.65 20.08 -17.95
C GLY A 186 14.54 19.86 -16.78
N LYS A 187 15.54 20.71 -16.70
CA LYS A 187 16.66 20.48 -15.79
C LYS A 187 16.25 20.33 -14.34
N ALA A 188 15.14 20.97 -13.98
CA ALA A 188 14.66 20.95 -12.60
C ALA A 188 13.85 19.70 -12.24
N ASN A 189 13.88 18.67 -13.09
CA ASN A 189 12.83 17.65 -13.00
C ASN A 189 13.22 16.20 -13.21
N GLY A 190 14.51 15.92 -13.16
CA GLY A 190 15.00 14.59 -13.41
C GLY A 190 15.77 14.51 -14.69
N VAL A 191 16.08 13.29 -15.06
CA VAL A 191 16.96 13.00 -16.16
C VAL A 191 16.15 12.10 -17.09
N PRO A 192 15.94 12.58 -18.31
CA PRO A 192 15.14 11.81 -19.20
C PRO A 192 15.69 10.42 -19.38
N ARG A 193 14.87 9.42 -19.11
CA ARG A 193 15.28 8.05 -19.38
C ARG A 193 14.13 7.08 -19.57
N GLU A 194 14.45 6.01 -20.31
CA GLU A 194 13.50 4.97 -20.66
C GLU A 194 13.44 3.93 -19.56
N THR A 195 12.25 3.67 -19.05
CA THR A 195 12.04 2.66 -18.01
C THR A 195 10.59 2.09 -18.09
N GLY A 196 10.03 1.62 -16.99
CA GLY A 196 8.74 0.98 -17.03
C GLY A 196 8.39 0.39 -15.70
N PHE A 197 7.22 -0.22 -15.60
CA PHE A 197 6.74 -0.81 -14.34
C PHE A 197 6.54 -2.31 -14.49
N ASP A 198 6.79 -3.07 -13.44
CA ASP A 198 6.40 -4.49 -13.37
C ASP A 198 5.36 -4.67 -12.29
N ILE A 199 4.63 -5.77 -12.30
CA ILE A 199 3.70 -5.98 -11.19
C ILE A 199 4.47 -6.31 -9.91
N SER A 200 4.00 -5.78 -8.79
CA SER A 200 4.77 -5.84 -7.52
C SER A 200 5.19 -7.23 -7.06
N VAL A 201 4.38 -8.25 -7.29
CA VAL A 201 4.74 -9.60 -6.88
C VAL A 201 5.89 -10.14 -7.68
N ALA A 202 6.16 -9.50 -8.81
CA ALA A 202 7.29 -9.85 -9.67
C ALA A 202 8.54 -9.04 -9.36
N SER A 203 8.47 -8.21 -8.31
CA SER A 203 9.60 -7.43 -7.83
C SER A 203 10.71 -8.33 -7.29
N GLU A 204 11.97 -7.99 -7.55
CA GLU A 204 13.07 -8.73 -6.94
C GLU A 204 12.99 -8.59 -5.39
N VAL A 205 12.43 -7.49 -4.92
CA VAL A 205 12.26 -7.25 -3.51
C VAL A 205 11.29 -8.28 -2.90
N MET A 206 10.23 -8.63 -3.63
CA MET A 206 9.39 -9.77 -3.26
C MET A 206 10.18 -11.10 -3.14
N ALA A 207 11.09 -11.37 -4.07
CA ALA A 207 11.87 -12.60 -4.00
C ALA A 207 12.83 -12.59 -2.77
N CYS A 208 13.38 -11.43 -2.43
CA CYS A 208 14.30 -11.34 -1.29
C CYS A 208 13.57 -11.63 0.02
N LEU A 209 12.39 -11.05 0.17
CA LEU A 209 11.56 -11.36 1.31
C LEU A 209 11.32 -12.86 1.38
N CYS A 210 11.00 -13.49 0.25
CA CYS A 210 10.69 -14.93 0.23
C CYS A 210 11.92 -15.82 0.41
N LEU A 211 13.12 -15.25 0.33
CA LEU A 211 14.35 -16.02 0.52
C LEU A 211 15.15 -15.61 1.76
N ALA A 212 14.85 -14.47 2.36
CA ALA A 212 15.63 -13.97 3.50
C ALA A 212 15.40 -14.79 4.77
N SER A 213 16.38 -14.86 5.65
CA SER A 213 16.23 -15.62 6.90
C SER A 213 15.67 -14.75 8.02
N ASP A 214 15.99 -13.46 7.99
CA ASP A 214 15.43 -12.50 8.94
C ASP A 214 15.45 -11.12 8.31
N LEU A 215 15.18 -10.09 9.10
CA LEU A 215 15.29 -8.73 8.61
C LEU A 215 16.76 -8.29 8.27
N MET A 216 17.76 -8.68 9.07
CA MET A 216 19.16 -8.27 8.77
C MET A 216 19.68 -8.98 7.50
N ASP A 217 19.24 -10.22 7.27
CA ASP A 217 19.60 -10.91 6.05
C ASP A 217 18.90 -10.22 4.89
N LEU A 218 17.67 -9.77 5.08
CA LEU A 218 16.94 -9.11 4.02
C LEU A 218 17.57 -7.77 3.59
N LYS A 219 18.11 -7.02 4.56
CA LYS A 219 18.84 -5.78 4.27
C LYS A 219 20.15 -6.06 3.51
N GLU A 220 20.86 -7.09 3.95
CA GLU A 220 22.15 -7.48 3.37
C GLU A 220 21.93 -7.70 1.89
N ARG A 221 20.98 -8.61 1.61
CA ARG A 221 20.53 -8.91 0.25
C ARG A 221 20.19 -7.65 -0.55
N PHE A 222 19.38 -6.75 0.05
CA PHE A 222 19.06 -5.44 -0.54
C PHE A 222 20.30 -4.66 -0.96
N SER A 223 21.33 -4.71 -0.12
CA SER A 223 22.57 -4.00 -0.42
C SER A 223 23.27 -4.55 -1.70
N ARG A 224 23.01 -5.80 -2.07
CA ARG A 224 23.59 -6.40 -3.27
C ARG A 224 22.72 -6.30 -4.49
N ILE A 225 21.54 -5.74 -4.38
CA ILE A 225 20.73 -5.53 -5.55
C ILE A 225 21.46 -4.60 -6.50
N VAL A 226 21.55 -5.01 -7.77
CA VAL A 226 22.16 -4.24 -8.85
C VAL A 226 21.12 -3.43 -9.61
N VAL A 227 21.35 -2.14 -9.73
CA VAL A 227 20.39 -1.29 -10.37
C VAL A 227 20.75 -0.95 -11.81
N GLY A 228 22.04 -0.86 -12.10
CA GLY A 228 22.50 -0.32 -13.40
C GLY A 228 23.99 -0.44 -13.51
N TYR A 229 24.59 0.27 -14.45
CA TYR A 229 26.03 0.26 -14.59
C TYR A 229 26.58 1.69 -14.72
N THR A 230 27.89 1.82 -14.53
CA THR A 230 28.61 3.09 -14.80
C THR A 230 28.90 3.14 -16.28
N TYR A 231 29.39 4.29 -16.75
CA TYR A 231 29.78 4.40 -18.15
C TYR A 231 30.90 3.41 -18.47
N ASP A 232 31.83 3.17 -17.52
CA ASP A 232 32.98 2.24 -17.75
C ASP A 232 32.56 0.78 -17.76
N GLY A 233 31.35 0.49 -17.29
CA GLY A 233 30.82 -0.86 -17.32
C GLY A 233 30.77 -1.53 -15.96
N LYS A 234 31.16 -0.86 -14.88
CA LYS A 234 31.12 -1.48 -13.54
C LYS A 234 29.70 -1.46 -12.98
N PRO A 235 29.27 -2.51 -12.24
CA PRO A 235 27.90 -2.48 -11.67
C PRO A 235 27.76 -1.49 -10.55
N VAL A 236 26.55 -1.00 -10.36
CA VAL A 236 26.22 -0.10 -9.28
C VAL A 236 25.12 -0.79 -8.51
N THR A 237 25.24 -0.85 -7.18
CA THR A 237 24.24 -1.54 -6.32
C THR A 237 23.44 -0.58 -5.49
N ALA A 238 22.42 -1.12 -4.83
CA ALA A 238 21.64 -0.34 -3.88
C ALA A 238 22.51 -0.03 -2.66
N GLY A 239 23.28 -1.02 -2.19
CA GLY A 239 24.32 -0.76 -1.21
C GLY A 239 25.09 0.52 -1.52
N ASP A 240 25.55 0.67 -2.77
CA ASP A 240 26.34 1.85 -3.18
C ASP A 240 25.58 3.16 -3.01
N LEU A 241 24.25 3.08 -3.08
CA LEU A 241 23.37 4.23 -2.88
C LEU A 241 22.94 4.36 -1.43
N GLU A 242 23.38 3.42 -0.61
CA GLU A 242 23.00 3.39 0.79
C GLU A 242 21.49 3.45 0.91
N ALA A 243 20.80 2.54 0.22
CA ALA A 243 19.33 2.43 0.32
C ALA A 243 18.83 1.34 1.28
N GLN A 244 19.68 0.39 1.60
CA GLN A 244 19.22 -0.83 2.26
C GLN A 244 18.59 -0.64 3.67
N GLY A 245 19.13 0.26 4.49
CA GLY A 245 18.54 0.54 5.79
C GLY A 245 17.11 1.01 5.65
N SER A 246 16.84 1.90 4.68
CA SER A 246 15.46 2.42 4.45
C SER A 246 14.50 1.39 3.91
N MET A 247 14.98 0.62 2.94
CA MET A 247 14.21 -0.47 2.39
C MET A 247 13.93 -1.45 3.52
N ALA A 248 14.93 -1.70 4.36
CA ALA A 248 14.76 -2.63 5.49
C ALA A 248 13.70 -2.10 6.45
N LEU A 249 13.80 -0.79 6.74
CA LEU A 249 12.83 -0.14 7.56
C LEU A 249 11.40 -0.35 7.06
N LEU A 250 11.17 -0.07 5.78
CA LEU A 250 9.84 -0.24 5.16
C LEU A 250 9.28 -1.67 5.23
N MET A 251 10.09 -2.62 5.67
CA MET A 251 9.71 -4.02 5.64
C MET A 251 9.76 -4.63 7.04
N LYS A 252 9.83 -3.78 8.07
CA LYS A 252 10.08 -4.31 9.42
C LYS A 252 8.93 -5.18 9.91
N ASP A 253 7.70 -4.83 9.52
CA ASP A 253 6.55 -5.70 9.81
C ASP A 253 6.35 -6.80 8.73
N ALA A 254 6.61 -6.42 7.47
CA ALA A 254 6.50 -7.32 6.33
C ALA A 254 7.29 -8.62 6.48
N ILE A 255 8.36 -8.56 7.23
CA ILE A 255 9.20 -9.73 7.44
C ILE A 255 8.54 -10.78 8.30
N LYS A 256 7.45 -10.44 8.98
CA LYS A 256 6.72 -11.37 9.82
C LYS A 256 5.64 -12.15 9.11
N PRO A 257 5.66 -13.47 9.21
CA PRO A 257 4.66 -14.25 8.49
C PRO A 257 3.29 -14.13 9.11
N ASN A 258 2.27 -14.33 8.28
CA ASN A 258 0.87 -14.03 8.65
C ASN A 258 0.05 -15.28 9.02
N LEU A 259 -0.39 -15.36 10.27
CA LEU A 259 -1.13 -16.54 10.72
C LEU A 259 -2.61 -16.43 10.39
N VAL A 260 -3.11 -17.41 9.65
CA VAL A 260 -4.53 -17.46 9.32
C VAL A 260 -5.01 -18.91 9.46
N GLN A 261 -6.19 -19.27 8.96
CA GLN A 261 -6.64 -20.64 9.11
C GLN A 261 -7.41 -21.10 7.94
N THR A 262 -7.67 -22.41 7.90
CA THR A 262 -8.47 -23.02 6.86
C THR A 262 -9.91 -23.00 7.33
N LEU A 263 -10.86 -23.23 6.43
CA LEU A 263 -12.27 -23.26 6.81
C LEU A 263 -12.48 -24.09 8.07
N GLU A 264 -11.82 -25.26 8.14
CA GLU A 264 -11.87 -26.16 9.30
C GLU A 264 -10.94 -25.74 10.44
N ASN A 265 -10.58 -24.46 10.52
CA ASN A 265 -9.71 -23.94 11.60
C ASN A 265 -8.31 -24.55 11.70
N THR A 266 -7.76 -25.07 10.61
CA THR A 266 -6.38 -25.54 10.64
C THR A 266 -5.42 -24.35 10.41
N PRO A 267 -4.42 -24.17 11.29
CA PRO A 267 -3.62 -22.95 11.21
C PRO A 267 -2.80 -22.92 9.92
N ALA A 268 -2.58 -21.73 9.37
CA ALA A 268 -1.91 -21.59 8.09
C ALA A 268 -1.22 -20.26 7.98
N PHE A 269 -0.04 -20.27 7.39
CA PHE A 269 0.74 -19.07 7.16
C PHE A 269 0.58 -18.69 5.73
N ILE A 270 0.31 -17.42 5.48
CA ILE A 270 0.42 -16.85 4.14
C ILE A 270 1.47 -15.76 4.25
N HIS A 271 2.49 -15.82 3.37
CA HIS A 271 3.64 -14.92 3.50
C HIS A 271 4.51 -14.92 2.27
N GLY A 272 4.66 -13.75 1.68
CA GLY A 272 5.32 -13.66 0.39
C GLY A 272 4.44 -14.21 -0.71
N GLY A 273 4.97 -14.19 -1.93
CA GLY A 273 4.27 -14.72 -3.07
C GLY A 273 4.90 -14.13 -4.30
N PRO A 274 5.98 -14.77 -4.83
CA PRO A 274 6.66 -14.31 -6.03
C PRO A 274 6.18 -14.99 -7.30
N PHE A 275 6.55 -14.45 -8.44
CA PHE A 275 6.41 -15.12 -9.72
C PHE A 275 7.18 -16.44 -9.68
N ALA A 276 6.79 -17.43 -10.48
CA ALA A 276 7.49 -18.73 -10.51
C ALA A 276 8.23 -19.00 -11.83
N ASN A 277 8.44 -17.95 -12.63
CA ASN A 277 9.23 -18.06 -13.86
C ASN A 277 10.51 -17.22 -13.77
N ILE A 278 10.37 -15.93 -13.55
CA ILE A 278 11.52 -15.11 -13.30
C ILE A 278 11.97 -15.21 -11.85
N ALA A 279 11.10 -15.78 -11.00
CA ALA A 279 11.50 -16.23 -9.66
C ALA A 279 11.14 -17.72 -9.39
N HIS A 280 11.07 -18.08 -8.12
CA HIS A 280 10.96 -19.48 -7.69
C HIS A 280 9.55 -19.88 -7.23
N GLY A 281 8.63 -18.93 -7.17
CA GLY A 281 7.24 -19.26 -7.01
C GLY A 281 6.88 -19.98 -5.72
N CYS A 282 7.65 -19.73 -4.67
CA CYS A 282 7.40 -20.27 -3.34
C CYS A 282 7.12 -19.19 -2.34
N ASN A 283 6.41 -19.55 -1.26
CA ASN A 283 6.23 -18.64 -0.12
C ASN A 283 7.50 -18.55 0.73
N SER A 284 7.44 -17.67 1.72
CA SER A 284 8.61 -17.33 2.47
C SER A 284 9.20 -18.52 3.20
N ILE A 285 10.53 -18.51 3.30
CA ILE A 285 11.33 -19.48 4.03
C ILE A 285 11.01 -19.30 5.51
N ILE A 286 10.89 -18.01 5.85
CA ILE A 286 10.54 -17.55 7.16
C ILE A 286 9.26 -18.25 7.68
N ALA A 287 8.16 -18.17 6.93
CA ALA A 287 6.92 -18.90 7.27
C ALA A 287 7.15 -20.40 7.34
N THR A 288 7.71 -20.98 6.29
CA THR A 288 7.93 -22.43 6.28
C THR A 288 8.89 -22.87 7.36
N LYS A 289 9.99 -22.15 7.62
CA LYS A 289 10.87 -22.61 8.72
C LYS A 289 10.21 -22.50 10.11
N THR A 290 9.45 -21.42 10.31
CA THR A 290 8.72 -21.24 11.58
C THR A 290 7.71 -22.39 11.78
N ALA A 291 7.04 -22.73 10.68
CA ALA A 291 6.01 -23.77 10.69
C ALA A 291 6.57 -25.17 11.01
N LEU A 292 7.80 -25.44 10.60
CA LEU A 292 8.45 -26.71 10.90
C LEU A 292 8.77 -26.90 12.40
N LYS A 293 8.79 -25.81 13.17
CA LYS A 293 9.03 -25.89 14.61
C LYS A 293 7.72 -26.05 15.37
N LEU A 294 6.68 -25.38 14.87
CA LEU A 294 5.39 -25.37 15.52
C LEU A 294 4.61 -26.67 15.27
N ALA A 295 4.92 -27.34 14.15
CA ALA A 295 4.15 -28.49 13.74
C ALA A 295 5.04 -29.67 13.54
N ASP A 296 4.46 -30.88 13.57
CA ASP A 296 5.19 -32.10 13.20
C ASP A 296 5.02 -32.37 11.70
N TYR A 297 4.10 -31.64 11.08
CA TYR A 297 3.79 -31.81 9.67
C TYR A 297 3.54 -30.47 9.04
N VAL A 298 4.18 -30.22 7.90
CA VAL A 298 3.99 -28.95 7.14
C VAL A 298 3.73 -29.20 5.65
N VAL A 299 2.61 -28.68 5.15
CA VAL A 299 2.28 -28.76 3.73
C VAL A 299 2.64 -27.43 3.12
N THR A 300 3.32 -27.42 1.99
CA THR A 300 3.49 -26.16 1.27
C THR A 300 3.41 -26.45 -0.20
N GLU A 301 3.20 -25.41 -0.99
CA GLU A 301 3.20 -25.58 -2.42
C GLU A 301 4.17 -24.66 -3.15
N ALA A 302 4.29 -24.92 -4.45
CA ALA A 302 5.07 -24.08 -5.37
C ALA A 302 4.28 -23.82 -6.66
N GLY A 303 4.54 -22.68 -7.27
CA GLY A 303 3.91 -22.24 -8.52
C GLY A 303 4.16 -23.06 -9.77
N PHE A 304 3.34 -22.81 -10.78
CA PHE A 304 3.30 -23.63 -12.01
C PHE A 304 3.44 -25.16 -11.80
N GLY A 305 3.96 -25.88 -12.82
CA GLY A 305 4.07 -27.33 -12.78
C GLY A 305 5.21 -27.80 -11.91
N ALA A 306 5.50 -29.08 -11.94
CA ALA A 306 6.62 -29.65 -11.20
C ALA A 306 8.01 -29.45 -11.87
N ASP A 307 8.00 -29.18 -13.18
CA ASP A 307 9.19 -28.84 -13.96
C ASP A 307 9.79 -27.46 -13.60
N LEU A 308 8.98 -26.61 -12.98
CA LEU A 308 9.37 -25.28 -12.57
C LEU A 308 9.35 -25.09 -11.05
N GLY A 309 8.19 -25.12 -10.44
CA GLY A 309 8.10 -24.74 -9.01
C GLY A 309 8.82 -25.74 -8.13
N ALA A 310 8.41 -26.98 -8.31
CA ALA A 310 9.01 -28.10 -7.62
C ALA A 310 10.52 -28.08 -7.78
N GLU A 311 11.01 -27.89 -9.00
CA GLU A 311 12.47 -27.77 -9.28
C GLU A 311 13.14 -26.66 -8.47
N LYS A 312 12.59 -25.46 -8.60
CA LYS A 312 13.01 -24.27 -7.85
C LYS A 312 12.75 -24.32 -6.35
N PHE A 313 11.70 -25.03 -5.93
CA PHE A 313 11.49 -25.30 -4.50
C PHE A 313 12.69 -26.06 -3.95
N TYR A 314 13.09 -27.12 -4.64
CA TYR A 314 14.24 -27.91 -4.24
C TYR A 314 15.56 -27.17 -4.46
N ASP A 315 15.83 -26.79 -5.71
CA ASP A 315 17.12 -26.27 -6.10
C ASP A 315 17.38 -24.83 -5.68
N VAL A 316 16.39 -24.12 -5.11
CA VAL A 316 16.65 -22.80 -4.49
C VAL A 316 16.19 -22.65 -3.03
N LYS A 317 14.92 -22.94 -2.75
CA LYS A 317 14.35 -22.66 -1.43
C LYS A 317 14.99 -23.50 -0.34
N CYS A 318 15.01 -24.81 -0.54
CA CYS A 318 15.68 -25.77 0.37
C CYS A 318 17.15 -25.61 0.37
N ARG A 319 17.72 -25.22 -0.78
CA ARG A 319 19.16 -25.11 -0.88
C ARG A 319 19.63 -24.11 0.22
N TYR A 320 18.92 -22.99 0.26
CA TYR A 320 19.21 -21.85 1.11
C TYR A 320 18.84 -22.10 2.56
N ALA A 321 17.66 -22.64 2.79
CA ALA A 321 17.20 -22.94 4.15
C ALA A 321 17.77 -24.23 4.70
N GLY A 322 18.36 -25.07 3.84
CA GLY A 322 18.83 -26.39 4.22
C GLY A 322 17.71 -27.34 4.63
N PHE A 323 16.60 -27.31 3.89
CA PHE A 323 15.46 -28.20 4.12
C PHE A 323 15.69 -29.53 3.42
N LYS A 324 14.91 -30.53 3.77
CA LYS A 324 14.96 -31.83 3.11
C LYS A 324 13.53 -32.37 3.02
N PRO A 325 12.81 -32.05 1.93
CA PRO A 325 11.43 -32.53 1.83
C PRO A 325 11.32 -34.00 2.18
N ASP A 326 10.19 -34.39 2.75
CA ASP A 326 10.00 -35.78 3.13
C ASP A 326 9.12 -36.53 2.14
N ALA A 327 8.26 -35.78 1.45
CA ALA A 327 7.52 -36.33 0.35
C ALA A 327 7.04 -35.20 -0.52
N THR A 328 6.48 -35.56 -1.64
CA THR A 328 5.90 -34.57 -2.49
C THR A 328 4.71 -35.16 -3.15
N VAL A 329 3.66 -34.37 -3.20
CA VAL A 329 2.39 -34.77 -3.81
C VAL A 329 2.27 -34.17 -5.18
N ILE A 330 2.02 -34.97 -6.21
CA ILE A 330 1.74 -34.43 -7.56
C ILE A 330 0.24 -34.46 -7.84
N VAL A 331 -0.32 -33.27 -8.06
CA VAL A 331 -1.75 -33.10 -8.28
C VAL A 331 -2.05 -33.22 -9.73
N ALA A 332 -3.01 -34.07 -10.07
CA ALA A 332 -3.36 -34.30 -11.46
C ALA A 332 -4.86 -34.45 -11.66
N THR A 333 -5.27 -34.23 -12.88
CA THR A 333 -6.66 -34.28 -13.21
C THR A 333 -6.77 -35.18 -14.42
N VAL A 334 -7.81 -35.98 -14.47
CA VAL A 334 -8.06 -36.83 -15.65
C VAL A 334 -8.22 -36.03 -16.96
N ARG A 335 -8.83 -34.85 -16.86
CA ARG A 335 -9.05 -33.99 -18.03
C ARG A 335 -7.82 -33.30 -18.60
N ALA A 336 -6.94 -32.86 -17.75
CA ALA A 336 -5.71 -32.21 -18.17
C ALA A 336 -4.84 -33.26 -18.83
N LEU A 337 -4.86 -34.48 -18.28
CA LEU A 337 -4.09 -35.55 -18.89
C LEU A 337 -4.58 -35.81 -20.26
N LYS A 338 -5.89 -35.69 -20.46
CA LYS A 338 -6.45 -35.86 -21.79
C LYS A 338 -6.14 -34.71 -22.71
N MET A 339 -6.03 -33.50 -22.16
CA MET A 339 -5.61 -32.39 -22.98
C MET A 339 -4.17 -32.70 -23.42
N HIS A 340 -3.36 -33.21 -22.49
CA HIS A 340 -2.01 -33.65 -22.84
C HIS A 340 -1.99 -34.85 -23.82
N GLY A 341 -3.01 -35.69 -23.75
CA GLY A 341 -3.22 -36.72 -24.76
C GLY A 341 -3.72 -36.20 -26.10
N GLY A 342 -3.95 -34.89 -26.24
CA GLY A 342 -4.35 -34.31 -27.54
C GLY A 342 -5.84 -33.91 -27.72
N VAL A 343 -6.69 -34.25 -26.74
CA VAL A 343 -8.13 -33.92 -26.76
C VAL A 343 -8.41 -32.42 -26.52
N PRO A 344 -9.23 -31.80 -27.39
CA PRO A 344 -9.44 -30.36 -27.21
C PRO A 344 -10.29 -30.07 -26.00
N LYS A 345 -10.26 -28.82 -25.53
CA LYS A 345 -11.04 -28.35 -24.35
C LYS A 345 -12.47 -28.90 -24.31
N SER A 346 -13.23 -28.58 -25.36
CA SER A 346 -14.68 -28.81 -25.46
C SER A 346 -15.12 -30.28 -25.35
N ASP A 347 -14.20 -31.18 -25.66
CA ASP A 347 -14.49 -32.61 -25.84
C ASP A 347 -13.90 -33.41 -24.66
N LEU A 348 -13.61 -32.73 -23.55
CA LEU A 348 -12.88 -33.37 -22.46
C LEU A 348 -13.74 -34.22 -21.51
N ALA A 349 -15.07 -34.08 -21.59
CA ALA A 349 -16.02 -34.86 -20.78
C ALA A 349 -16.22 -36.24 -21.37
N THR A 350 -16.10 -36.35 -22.69
CA THR A 350 -16.25 -37.63 -23.38
C THR A 350 -15.16 -38.57 -22.97
N GLU A 351 -15.52 -39.78 -22.57
CA GLU A 351 -14.55 -40.76 -22.15
C GLU A 351 -13.66 -41.03 -23.31
N ASN A 352 -12.36 -41.16 -23.02
CA ASN A 352 -11.33 -41.42 -24.01
C ASN A 352 -10.07 -41.97 -23.30
N LEU A 353 -10.10 -43.28 -23.04
CA LEU A 353 -9.00 -43.96 -22.39
C LEU A 353 -7.67 -43.83 -23.16
N GLU A 354 -7.72 -43.76 -24.50
CA GLU A 354 -6.51 -43.63 -25.34
C GLU A 354 -5.77 -42.33 -24.99
N ALA A 355 -6.49 -41.21 -25.08
CA ALA A 355 -5.88 -39.92 -24.82
C ALA A 355 -5.38 -39.87 -23.38
N LEU A 356 -6.10 -40.47 -22.45
CA LEU A 356 -5.68 -40.46 -21.04
C LEU A 356 -4.31 -41.11 -20.85
N ARG A 357 -4.14 -42.27 -21.47
CA ARG A 357 -2.92 -43.06 -21.37
C ARG A 357 -1.75 -42.33 -22.04
N GLU A 358 -2.02 -41.73 -23.19
CA GLU A 358 -0.99 -41.04 -23.93
C GLU A 358 -0.58 -39.71 -23.24
N GLY A 359 -1.55 -38.99 -22.69
CA GLY A 359 -1.26 -37.82 -21.87
C GLY A 359 -0.66 -38.15 -20.51
N PHE A 360 -0.80 -39.38 -20.06
CA PHE A 360 -0.23 -39.80 -18.78
C PHE A 360 1.25 -39.60 -18.78
N ALA A 361 1.89 -39.68 -19.95
CA ALA A 361 3.32 -39.40 -20.01
C ALA A 361 3.71 -38.07 -19.34
N ASN A 362 2.85 -37.04 -19.37
CA ASN A 362 3.17 -35.80 -18.70
C ASN A 362 3.43 -36.09 -17.21
N LEU A 363 2.46 -36.79 -16.59
CA LEU A 363 2.54 -37.16 -15.19
C LEU A 363 3.71 -38.11 -14.94
N GLU A 364 3.93 -39.06 -15.84
CA GLU A 364 5.01 -40.01 -15.62
C GLU A 364 6.35 -39.31 -15.59
N LYS A 365 6.52 -38.31 -16.44
CA LYS A 365 7.80 -37.60 -16.52
C LYS A 365 8.03 -36.79 -15.25
N HIS A 366 6.99 -36.21 -14.67
CA HIS A 366 7.13 -35.42 -13.44
C HIS A 366 7.51 -36.25 -12.25
N ILE A 367 6.81 -37.37 -12.12
CA ILE A 367 7.05 -38.35 -11.07
C ILE A 367 8.53 -38.76 -11.07
N GLU A 368 9.01 -39.05 -12.27
CA GLU A 368 10.39 -39.40 -12.46
C GLU A 368 11.33 -38.28 -12.08
N ASN A 369 10.93 -37.07 -12.43
CA ASN A 369 11.65 -35.86 -12.02
C ASN A 369 11.73 -35.69 -10.49
N ILE A 370 10.61 -35.90 -9.78
CA ILE A 370 10.61 -35.82 -8.31
C ILE A 370 11.58 -36.83 -7.71
N GLY A 371 11.63 -38.06 -8.24
CA GLY A 371 12.56 -39.08 -7.76
C GLY A 371 14.02 -38.72 -8.01
N LYS A 372 14.27 -37.85 -8.99
CA LYS A 372 15.63 -37.38 -9.27
C LYS A 372 16.14 -36.46 -8.18
N PHE A 373 15.28 -36.01 -7.28
CA PHE A 373 15.72 -35.25 -6.13
C PHE A 373 15.79 -36.12 -4.87
N GLY A 374 15.29 -37.33 -4.97
CA GLY A 374 15.36 -38.31 -3.90
C GLY A 374 14.20 -38.20 -2.93
N VAL A 375 13.03 -37.93 -3.50
CA VAL A 375 11.84 -37.63 -2.73
C VAL A 375 10.75 -38.55 -3.19
N PRO A 376 10.07 -39.21 -2.25
CA PRO A 376 8.98 -40.07 -2.60
C PRO A 376 7.78 -39.26 -3.04
N ALA A 377 7.07 -39.78 -4.03
CA ALA A 377 6.03 -39.05 -4.72
C ALA A 377 4.69 -39.71 -4.54
N VAL A 378 3.67 -38.92 -4.16
CA VAL A 378 2.28 -39.43 -4.11
C VAL A 378 1.41 -38.57 -4.97
N VAL A 379 0.66 -39.19 -5.87
CA VAL A 379 -0.20 -38.47 -6.78
C VAL A 379 -1.54 -38.26 -6.09
N ALA A 380 -2.07 -37.05 -6.18
CA ALA A 380 -3.47 -36.79 -5.86
C ALA A 380 -4.26 -36.67 -7.16
N ILE A 381 -5.40 -37.35 -7.21
CA ILE A 381 -6.31 -37.21 -8.35
C ILE A 381 -7.42 -36.28 -7.97
N ASN A 382 -7.42 -35.11 -8.55
CA ASN A 382 -8.59 -34.27 -8.42
C ASN A 382 -9.83 -34.79 -9.17
N ALA A 383 -10.70 -35.36 -8.34
CA ALA A 383 -11.95 -35.95 -8.76
C ALA A 383 -12.80 -34.89 -9.44
N PHE A 384 -13.44 -35.28 -10.54
CA PHE A 384 -14.34 -34.39 -11.28
C PHE A 384 -15.61 -35.16 -11.74
N PRO A 385 -16.78 -34.49 -11.73
CA PRO A 385 -18.00 -35.32 -11.91
C PRO A 385 -18.07 -36.07 -13.24
N THR A 386 -17.48 -35.50 -14.30
CA THR A 386 -17.51 -36.16 -15.61
C THR A 386 -16.62 -37.42 -15.71
N ASP A 387 -15.65 -37.56 -14.82
CA ASP A 387 -14.71 -38.65 -14.95
C ASP A 387 -15.40 -39.98 -14.80
N THR A 388 -15.16 -40.92 -15.71
CA THR A 388 -15.75 -42.25 -15.58
C THR A 388 -14.86 -43.10 -14.72
N GLU A 389 -15.35 -44.26 -14.30
CA GLU A 389 -14.60 -45.14 -13.42
C GLU A 389 -13.50 -45.84 -14.20
N ALA A 390 -13.83 -46.20 -15.43
CA ALA A 390 -12.84 -46.82 -16.31
C ALA A 390 -11.59 -45.89 -16.51
N GLU A 391 -11.83 -44.58 -16.54
CA GLU A 391 -10.78 -43.57 -16.60
C GLU A 391 -10.03 -43.53 -15.28
N LEU A 392 -10.73 -43.24 -14.20
CA LEU A 392 -10.11 -43.24 -12.88
C LEU A 392 -9.30 -44.52 -12.65
N ASN A 393 -9.86 -45.69 -12.91
CA ASN A 393 -9.08 -46.93 -12.73
C ASN A 393 -7.85 -47.05 -13.61
N LEU A 394 -7.96 -46.73 -14.89
CA LEU A 394 -6.80 -46.76 -15.77
C LEU A 394 -5.71 -45.86 -15.14
N LEU A 395 -6.15 -44.70 -14.65
CA LEU A 395 -5.21 -43.73 -14.12
C LEU A 395 -4.47 -44.29 -12.89
N TYR A 396 -5.14 -45.10 -12.06
CA TYR A 396 -4.45 -45.70 -10.91
C TYR A 396 -3.41 -46.74 -11.36
N GLU A 397 -3.83 -47.68 -12.22
CA GLU A 397 -2.91 -48.67 -12.79
C GLU A 397 -1.63 -47.96 -13.22
N LEU A 398 -1.84 -46.88 -13.97
CA LEU A 398 -0.74 -46.19 -14.59
C LEU A 398 0.19 -45.58 -13.55
N CYS A 399 -0.36 -44.89 -12.55
CA CYS A 399 0.42 -44.35 -11.44
C CYS A 399 1.19 -45.47 -10.71
N ALA A 400 0.47 -46.57 -10.51
CA ALA A 400 1.03 -47.78 -9.94
C ALA A 400 2.13 -48.36 -10.84
N LYS A 401 1.83 -48.66 -12.09
CA LYS A 401 2.87 -49.14 -13.02
C LYS A 401 4.15 -48.28 -12.93
N ALA A 402 3.98 -46.98 -12.75
CA ALA A 402 5.09 -46.03 -12.64
C ALA A 402 5.69 -45.93 -11.23
N GLY A 403 5.27 -46.80 -10.32
CA GLY A 403 5.78 -46.86 -8.94
C GLY A 403 5.40 -45.74 -7.96
N ALA A 404 4.28 -45.08 -8.21
CA ALA A 404 3.84 -44.02 -7.31
C ALA A 404 2.55 -44.43 -6.63
N GLU A 405 2.48 -44.17 -5.35
CA GLU A 405 1.21 -44.31 -4.69
C GLU A 405 0.26 -43.23 -5.26
N VAL A 406 -1.03 -43.53 -5.29
CA VAL A 406 -2.00 -42.58 -5.78
C VAL A 406 -3.24 -42.64 -4.88
N ALA A 407 -3.93 -41.51 -4.77
CA ALA A 407 -5.21 -41.43 -4.05
C ALA A 407 -6.17 -40.45 -4.73
N LEU A 408 -7.43 -40.85 -4.85
CA LEU A 408 -8.46 -39.97 -5.34
C LEU A 408 -8.75 -38.98 -4.25
N SER A 409 -8.97 -37.72 -4.62
CA SER A 409 -9.11 -36.63 -3.68
C SER A 409 -10.42 -35.91 -3.93
N GLU A 410 -11.24 -35.73 -2.91
CA GLU A 410 -12.52 -35.04 -3.09
C GLU A 410 -12.62 -33.86 -2.14
N VAL A 411 -11.50 -33.16 -1.92
CA VAL A 411 -11.45 -32.08 -0.89
C VAL A 411 -12.31 -30.89 -1.28
N TRP A 412 -12.43 -30.63 -2.57
CA TRP A 412 -13.27 -29.54 -3.06
C TRP A 412 -14.71 -29.65 -2.57
N ALA A 413 -15.25 -30.86 -2.62
CA ALA A 413 -16.65 -31.09 -2.28
C ALA A 413 -16.84 -31.41 -0.78
N LYS A 414 -15.89 -32.13 -0.21
CA LYS A 414 -16.07 -32.82 1.03
C LYS A 414 -15.06 -32.37 2.07
N GLY A 415 -14.42 -31.22 1.85
CA GLY A 415 -13.37 -30.75 2.76
C GLY A 415 -12.42 -31.86 3.16
N GLY A 416 -12.00 -31.84 4.43
CA GLY A 416 -10.94 -32.71 4.89
C GLY A 416 -11.24 -34.19 4.78
N GLU A 417 -12.52 -34.58 4.82
CA GLU A 417 -12.94 -35.98 4.63
C GLU A 417 -12.53 -36.51 3.26
N GLY A 418 -12.63 -35.68 2.23
CA GLY A 418 -12.19 -36.07 0.88
C GLY A 418 -10.68 -36.15 0.71
N GLY A 419 -9.93 -35.79 1.73
CA GLY A 419 -8.46 -35.81 1.66
C GLY A 419 -7.80 -36.95 2.44
N LEU A 420 -8.63 -37.78 3.10
CA LEU A 420 -8.12 -38.77 4.03
C LEU A 420 -7.44 -39.97 3.35
N GLU A 421 -8.01 -40.45 2.25
CA GLU A 421 -7.36 -41.53 1.51
C GLU A 421 -5.91 -41.01 1.19
N LEU A 422 -5.83 -39.80 0.64
CA LEU A 422 -4.53 -39.23 0.26
C LEU A 422 -3.54 -39.05 1.41
N ALA A 423 -4.07 -38.58 2.53
CA ALA A 423 -3.29 -38.30 3.72
C ALA A 423 -2.70 -39.61 4.24
N ARG A 424 -3.51 -40.66 4.22
CA ARG A 424 -3.04 -41.97 4.62
C ARG A 424 -1.94 -42.52 3.74
N LYS A 425 -2.00 -42.20 2.46
CA LYS A 425 -0.92 -42.54 1.53
C LYS A 425 0.34 -41.72 1.78
N VAL A 426 0.19 -40.50 2.29
CA VAL A 426 1.36 -39.70 2.62
C VAL A 426 2.01 -40.25 3.91
N LEU A 427 1.20 -40.41 4.95
CA LEU A 427 1.69 -40.87 6.23
C LEU A 427 2.30 -42.23 6.05
N GLN A 428 1.61 -43.05 5.26
CA GLN A 428 2.11 -44.35 4.87
C GLN A 428 3.45 -44.21 4.16
N THR A 429 3.57 -43.22 3.28
CA THR A 429 4.86 -42.95 2.59
C THR A 429 5.93 -42.42 3.56
N LEU A 430 5.52 -41.54 4.46
CA LEU A 430 6.46 -40.97 5.38
C LEU A 430 6.98 -42.05 6.28
N GLU A 431 6.12 -42.99 6.67
CA GLU A 431 6.51 -44.01 7.65
C GLU A 431 7.48 -45.06 7.07
N SER A 432 7.46 -45.26 5.75
CA SER A 432 8.22 -46.36 5.15
C SER A 432 9.07 -46.06 3.89
N ARG A 433 9.02 -44.85 3.33
CA ARG A 433 10.03 -44.40 2.32
C ARG A 433 10.56 -43.01 2.66
N PRO A 434 11.42 -42.92 3.69
CA PRO A 434 12.09 -41.66 3.98
C PRO A 434 12.85 -41.12 2.76
N SER A 435 12.88 -39.80 2.66
CA SER A 435 13.41 -39.17 1.50
C SER A 435 14.89 -39.13 1.64
N ASN A 436 15.57 -39.14 0.48
CA ASN A 436 16.98 -38.86 0.38
C ASN A 436 17.31 -37.59 -0.49
N PHE A 437 17.06 -36.41 0.10
CA PHE A 437 17.00 -35.16 -0.66
C PHE A 437 18.35 -34.74 -1.23
N HIS A 438 18.34 -34.28 -2.49
CA HIS A 438 19.53 -33.83 -3.22
C HIS A 438 19.15 -32.80 -4.25
N VAL A 439 19.64 -31.59 -4.07
CA VAL A 439 19.51 -30.63 -5.15
C VAL A 439 19.97 -31.28 -6.45
N LEU A 440 19.29 -30.96 -7.52
CA LEU A 440 19.67 -31.46 -8.83
C LEU A 440 21.09 -31.12 -9.33
N TYR A 441 21.71 -30.05 -8.86
CA TYR A 441 22.99 -29.60 -9.42
C TYR A 441 23.83 -28.81 -8.41
N ASN A 442 25.14 -28.75 -8.64
CA ASN A 442 26.07 -28.06 -7.75
C ASN A 442 26.31 -26.63 -8.26
N LEU A 443 26.35 -25.66 -7.34
CA LEU A 443 26.57 -24.24 -7.72
C LEU A 443 27.90 -23.99 -8.46
N ASP A 444 28.92 -24.78 -8.19
CA ASP A 444 30.21 -24.55 -8.80
C ASP A 444 30.36 -25.09 -10.23
N LEU A 445 29.25 -25.53 -10.83
CA LEU A 445 29.19 -25.64 -12.28
C LEU A 445 29.08 -24.24 -12.89
N SER A 446 29.17 -24.20 -14.22
CA SER A 446 28.98 -23.01 -15.04
C SER A 446 27.51 -22.84 -15.41
N ILE A 447 27.10 -21.60 -15.62
CA ILE A 447 25.71 -21.29 -15.86
C ILE A 447 25.19 -22.20 -16.95
N LYS A 448 25.91 -22.28 -18.04
CA LYS A 448 25.53 -23.12 -19.16
C LYS A 448 25.43 -24.59 -18.79
N ASP A 449 26.30 -25.03 -17.89
CA ASP A 449 26.18 -26.38 -17.33
C ASP A 449 24.90 -26.57 -16.47
N LYS A 450 24.53 -25.57 -15.70
CA LYS A 450 23.44 -25.72 -14.75
C LYS A 450 22.10 -25.66 -15.45
N ILE A 451 22.04 -24.82 -16.48
CA ILE A 451 20.91 -24.77 -17.42
C ILE A 451 20.69 -26.08 -18.17
N ALA A 452 21.73 -26.63 -18.80
CA ALA A 452 21.57 -27.88 -19.50
C ALA A 452 21.09 -28.94 -18.53
N LYS A 453 21.75 -29.12 -17.39
CA LYS A 453 21.29 -30.04 -16.31
C LYS A 453 19.77 -30.04 -16.06
N ILE A 454 19.26 -28.88 -15.68
CA ILE A 454 17.84 -28.62 -15.55
C ILE A 454 17.09 -28.99 -16.84
N ALA A 455 17.55 -28.44 -17.95
CA ALA A 455 16.88 -28.61 -19.23
C ALA A 455 16.83 -30.07 -19.67
N THR A 456 17.95 -30.78 -19.60
CA THR A 456 17.98 -32.16 -20.08
C THR A 456 17.40 -33.13 -19.10
N GLU A 457 17.69 -32.97 -17.81
CA GLU A 457 17.18 -33.90 -16.80
C GLU A 457 15.70 -33.68 -16.45
N ILE A 458 15.29 -32.42 -16.37
CA ILE A 458 13.94 -32.10 -15.94
C ILE A 458 12.99 -31.88 -17.13
N TYR A 459 13.42 -31.12 -18.13
CA TYR A 459 12.53 -30.84 -19.25
C TYR A 459 12.57 -31.94 -20.29
N GLY A 460 13.53 -32.84 -20.21
CA GLY A 460 13.74 -33.80 -21.28
C GLY A 460 14.22 -33.14 -22.58
N ALA A 461 14.75 -31.92 -22.48
CA ALA A 461 15.33 -31.22 -23.63
C ALA A 461 16.55 -31.97 -24.18
N ASP A 462 16.73 -31.93 -25.51
CA ASP A 462 17.93 -32.51 -26.09
C ASP A 462 19.12 -31.66 -25.63
N GLY A 463 19.08 -30.37 -25.98
CA GLY A 463 20.05 -29.40 -25.49
C GLY A 463 19.53 -27.98 -25.44
N VAL A 464 20.47 -27.05 -25.34
CA VAL A 464 20.14 -25.64 -25.18
C VAL A 464 20.81 -24.75 -26.22
N ASN A 465 20.07 -23.77 -26.75
CA ASN A 465 20.65 -22.75 -27.61
C ASN A 465 20.60 -21.40 -26.97
N TYR A 466 21.45 -20.53 -27.51
CA TYR A 466 21.74 -19.28 -26.88
C TYR A 466 21.93 -18.26 -27.97
N THR A 467 21.15 -17.18 -27.90
CA THR A 467 21.42 -15.99 -28.70
C THR A 467 22.75 -15.35 -28.33
N ALA A 468 23.21 -14.45 -29.17
CA ALA A 468 24.42 -13.71 -28.90
C ALA A 468 24.22 -12.90 -27.63
N GLU A 469 23.05 -12.30 -27.49
CA GLU A 469 22.79 -11.46 -26.33
C GLU A 469 22.94 -12.29 -25.05
N ALA A 470 22.29 -13.45 -25.02
CA ALA A 470 22.49 -14.43 -23.96
C ALA A 470 23.98 -14.74 -23.72
N ASP A 471 24.70 -15.19 -24.75
CA ASP A 471 26.10 -15.55 -24.59
C ASP A 471 26.93 -14.41 -23.98
N LYS A 472 26.54 -13.19 -24.30
CA LYS A 472 27.29 -12.01 -23.88
C LYS A 472 26.98 -11.75 -22.40
N ALA A 473 25.70 -11.88 -22.02
CA ALA A 473 25.29 -11.58 -20.64
C ALA A 473 26.04 -12.47 -19.72
N ILE A 474 26.08 -13.74 -20.14
CA ILE A 474 26.63 -14.80 -19.36
C ILE A 474 28.09 -14.59 -19.17
N GLN A 475 28.82 -14.39 -20.27
CA GLN A 475 30.22 -13.96 -20.21
C GLN A 475 30.35 -12.84 -19.17
N ARG A 476 29.57 -11.78 -19.33
CA ARG A 476 29.72 -10.62 -18.45
C ARG A 476 29.40 -10.97 -16.99
N TYR A 477 28.29 -11.66 -16.75
CA TYR A 477 27.93 -12.02 -15.37
C TYR A 477 28.97 -12.94 -14.73
N GLU A 478 29.41 -13.93 -15.51
CA GLU A 478 30.36 -14.92 -15.02
C GLU A 478 31.63 -14.17 -14.67
N SER A 479 31.92 -13.16 -15.49
CA SER A 479 33.05 -12.26 -15.25
C SER A 479 32.91 -11.34 -14.03
N LEU A 480 31.71 -11.08 -13.58
CA LEU A 480 31.53 -10.24 -12.40
C LEU A 480 31.45 -11.11 -11.16
N GLY A 481 31.76 -12.39 -11.32
CA GLY A 481 31.66 -13.38 -10.26
C GLY A 481 30.27 -13.76 -9.81
N TYR A 482 29.25 -13.63 -10.67
CA TYR A 482 27.91 -14.14 -10.34
C TYR A 482 27.62 -15.51 -10.98
N GLY A 483 28.67 -16.20 -11.39
CA GLY A 483 28.54 -17.47 -12.09
C GLY A 483 28.35 -18.71 -11.25
N ASN A 484 28.62 -18.61 -9.95
CA ASN A 484 28.44 -19.76 -9.05
C ASN A 484 27.13 -19.60 -8.28
N LEU A 485 26.17 -18.99 -8.95
CA LEU A 485 24.85 -18.77 -8.40
C LEU A 485 23.90 -19.83 -8.97
N PRO A 486 22.81 -20.14 -8.25
CA PRO A 486 21.74 -21.00 -8.79
C PRO A 486 21.02 -20.38 -10.00
N VAL A 487 20.21 -21.18 -10.67
CA VAL A 487 19.59 -20.77 -11.94
C VAL A 487 18.07 -20.92 -11.94
N VAL A 488 17.42 -19.85 -12.38
CA VAL A 488 15.98 -19.73 -12.32
C VAL A 488 15.41 -19.58 -13.74
N MET A 489 15.06 -20.71 -14.34
CA MET A 489 14.49 -20.71 -15.70
C MET A 489 13.13 -20.02 -15.79
N ALA A 490 13.03 -19.01 -16.64
CA ALA A 490 11.76 -18.39 -17.02
C ALA A 490 11.35 -18.87 -18.39
N LYS A 491 10.28 -19.64 -18.39
CA LYS A 491 9.87 -20.47 -19.50
C LYS A 491 8.35 -20.57 -19.38
N THR A 492 7.71 -20.95 -20.46
CA THR A 492 6.30 -21.17 -20.41
C THR A 492 6.08 -22.35 -19.49
N GLN A 493 4.97 -22.27 -18.74
CA GLN A 493 4.56 -23.33 -17.81
C GLN A 493 3.72 -24.38 -18.49
N TYR A 494 3.40 -24.17 -19.78
CA TYR A 494 2.38 -24.97 -20.46
C TYR A 494 2.97 -26.10 -21.30
N SER A 495 4.28 -26.28 -21.21
CA SER A 495 4.94 -27.41 -21.87
C SER A 495 6.19 -27.69 -21.05
N PHE A 496 6.77 -28.88 -21.21
CA PHE A 496 8.11 -29.10 -20.69
C PHE A 496 9.09 -28.23 -21.50
N SER A 497 8.80 -28.08 -22.79
CA SER A 497 9.57 -27.23 -23.70
C SER A 497 9.25 -25.74 -23.61
N ASP A 498 9.96 -24.94 -24.41
CA ASP A 498 9.71 -23.51 -24.43
C ASP A 498 8.67 -23.14 -25.51
N ASP A 499 7.83 -24.09 -25.89
CA ASP A 499 6.80 -23.90 -26.91
C ASP A 499 5.43 -24.33 -26.31
N MET A 500 4.58 -23.35 -26.04
CA MET A 500 3.37 -23.66 -25.24
C MET A 500 2.37 -24.59 -25.92
N THR A 501 2.56 -24.78 -27.21
CA THR A 501 1.73 -25.67 -27.99
C THR A 501 2.13 -27.12 -27.77
N LYS A 502 3.37 -27.39 -27.33
CA LYS A 502 3.82 -28.78 -27.17
C LYS A 502 3.37 -29.36 -25.85
N LEU A 503 2.19 -29.94 -25.88
CA LEU A 503 1.58 -30.55 -24.71
C LEU A 503 2.18 -31.94 -24.46
N GLY A 504 1.70 -32.65 -23.43
CA GLY A 504 2.20 -33.97 -23.07
C GLY A 504 3.68 -34.02 -22.73
N ARG A 505 4.39 -34.99 -23.33
CA ARG A 505 5.82 -35.25 -23.09
C ARG A 505 6.65 -35.13 -24.38
N PRO A 506 6.96 -33.89 -24.79
CA PRO A 506 7.60 -33.65 -26.05
C PRO A 506 8.98 -34.22 -26.08
N ARG A 507 9.25 -35.00 -27.12
CA ARG A 507 10.57 -35.54 -27.39
C ARG A 507 11.22 -34.67 -28.48
N ASN A 508 12.52 -34.89 -28.69
CA ASN A 508 13.23 -34.38 -29.86
C ASN A 508 13.10 -32.88 -29.98
N PHE A 509 13.34 -32.19 -28.87
CA PHE A 509 13.25 -30.75 -28.85
C PHE A 509 14.43 -30.11 -28.10
N THR A 510 14.45 -28.78 -28.07
CA THR A 510 15.63 -28.07 -27.65
C THR A 510 15.17 -26.72 -27.04
N ILE A 511 15.74 -26.32 -25.92
CA ILE A 511 15.40 -25.00 -25.31
C ILE A 511 16.25 -23.91 -25.98
N THR A 512 15.69 -22.70 -26.09
CA THR A 512 16.49 -21.58 -26.59
C THR A 512 16.46 -20.39 -25.67
N VAL A 513 17.63 -19.99 -25.19
CA VAL A 513 17.72 -18.93 -24.21
C VAL A 513 18.00 -17.62 -24.90
N ARG A 514 17.02 -16.73 -24.81
CA ARG A 514 17.03 -15.47 -25.59
C ARG A 514 17.75 -14.37 -24.84
N GLU A 515 17.68 -14.42 -23.54
CA GLU A 515 18.09 -13.31 -22.75
C GLU A 515 18.40 -13.86 -21.36
N VAL A 516 19.42 -13.30 -20.71
CA VAL A 516 19.78 -13.66 -19.34
C VAL A 516 19.86 -12.41 -18.47
N ARG A 517 19.09 -12.40 -17.38
CA ARG A 517 19.05 -11.31 -16.45
C ARG A 517 19.58 -11.82 -15.16
N LEU A 518 19.77 -10.92 -14.19
CA LEU A 518 20.38 -11.23 -12.87
C LEU A 518 19.53 -10.67 -11.72
N SER A 519 19.49 -11.39 -10.60
CA SER A 519 18.88 -10.87 -9.40
C SER A 519 19.88 -11.04 -8.29
N ALA A 520 20.88 -10.15 -8.23
CA ALA A 520 21.95 -10.27 -7.22
C ALA A 520 21.48 -10.15 -5.77
N GLY A 521 20.25 -9.65 -5.59
CA GLY A 521 19.63 -9.52 -4.28
C GLY A 521 19.18 -10.87 -3.83
N ALA A 522 18.26 -11.44 -4.61
CA ALA A 522 17.73 -12.78 -4.35
C ALA A 522 18.83 -13.83 -4.38
N GLY A 523 19.83 -13.57 -5.22
CA GLY A 523 20.99 -14.44 -5.33
C GLY A 523 20.83 -15.48 -6.42
N PHE A 524 20.25 -15.07 -7.54
CA PHE A 524 20.17 -15.97 -8.68
C PHE A 524 20.14 -15.35 -10.09
N ILE A 525 20.44 -16.24 -11.04
CA ILE A 525 20.45 -15.94 -12.45
C ILE A 525 19.12 -16.35 -13.08
N VAL A 526 18.62 -15.51 -13.98
CA VAL A 526 17.35 -15.68 -14.60
C VAL A 526 17.53 -15.78 -16.12
N PRO A 527 17.75 -16.99 -16.65
CA PRO A 527 17.69 -17.15 -18.09
C PRO A 527 16.25 -17.22 -18.54
N ILE A 528 15.96 -16.54 -19.66
CA ILE A 528 14.60 -16.34 -20.17
C ILE A 528 14.47 -16.95 -21.55
N THR A 529 13.47 -17.82 -21.74
CA THR A 529 13.31 -18.51 -23.03
C THR A 529 12.24 -17.87 -23.95
N GLY A 530 11.00 -17.74 -23.50
CA GLY A 530 9.99 -17.02 -24.28
C GLY A 530 10.21 -15.51 -24.14
N ALA A 531 9.10 -14.77 -24.14
CA ALA A 531 9.09 -13.39 -23.66
C ALA A 531 8.22 -13.39 -22.40
N ILE A 532 8.78 -13.02 -21.26
CA ILE A 532 7.99 -13.04 -20.03
C ILE A 532 7.15 -11.77 -19.86
N MET A 533 5.91 -11.98 -19.43
CA MET A 533 5.01 -10.91 -19.09
C MET A 533 5.17 -10.69 -17.58
N THR A 534 5.97 -9.69 -17.25
CA THR A 534 6.13 -9.22 -15.88
C THR A 534 5.16 -8.07 -15.51
N MET A 535 4.15 -7.84 -16.36
CA MET A 535 3.14 -6.83 -16.15
C MET A 535 2.02 -7.11 -17.11
N PRO A 536 1.15 -8.09 -16.79
CA PRO A 536 -0.03 -8.38 -17.60
C PRO A 536 -1.01 -7.22 -17.69
N GLY A 537 -2.01 -7.36 -18.55
CA GLY A 537 -2.99 -6.31 -18.72
C GLY A 537 -4.41 -6.77 -18.42
N LEU A 538 -5.31 -5.81 -18.28
CA LEU A 538 -6.72 -6.14 -18.07
C LEU A 538 -7.33 -6.65 -19.38
N PRO A 539 -8.36 -7.52 -19.30
CA PRO A 539 -9.13 -7.95 -20.49
C PRO A 539 -10.14 -6.90 -20.97
N LYS A 540 -10.80 -7.12 -22.11
CA LYS A 540 -11.67 -6.08 -22.67
C LYS A 540 -12.85 -5.78 -21.75
N ARG A 541 -13.48 -6.83 -21.22
CA ARG A 541 -14.53 -6.68 -20.21
C ARG A 541 -13.93 -7.06 -18.85
N PRO A 542 -13.21 -6.12 -18.19
CA PRO A 542 -12.59 -6.45 -16.91
C PRO A 542 -13.60 -6.51 -15.78
N ALA A 543 -13.27 -7.30 -14.76
CA ALA A 543 -14.17 -7.54 -13.64
C ALA A 543 -14.42 -6.28 -12.82
N ALA A 544 -13.52 -5.30 -12.94
CA ALA A 544 -13.66 -4.06 -12.18
C ALA A 544 -14.97 -3.37 -12.54
N CYS A 545 -15.43 -3.57 -13.77
CA CYS A 545 -16.70 -3.02 -14.24
C CYS A 545 -17.97 -3.62 -13.54
N ASN A 546 -17.91 -4.87 -13.09
CA ASN A 546 -19.06 -5.51 -12.45
C ASN A 546 -18.96 -5.53 -10.92
N ILE A 547 -17.85 -5.06 -10.37
CA ILE A 547 -17.66 -5.11 -8.91
C ILE A 547 -18.38 -3.96 -8.25
N ASP A 548 -19.01 -4.25 -7.12
CA ASP A 548 -19.70 -3.22 -6.35
C ASP A 548 -19.69 -3.61 -4.88
N ILE A 549 -20.13 -2.69 -4.03
CA ILE A 549 -20.34 -2.96 -2.62
C ILE A 549 -21.45 -2.01 -2.18
N ASP A 550 -22.51 -2.52 -1.59
CA ASP A 550 -23.66 -1.65 -1.24
C ASP A 550 -23.58 -1.12 0.20
N ALA A 551 -24.63 -0.42 0.62
CA ALA A 551 -24.67 0.28 1.92
C ALA A 551 -24.51 -0.63 3.15
N ASP A 552 -24.68 -1.93 2.98
CA ASP A 552 -24.47 -2.91 4.05
C ASP A 552 -23.20 -3.76 3.79
N GLY A 553 -22.33 -3.27 2.92
CA GLY A 553 -21.08 -3.97 2.60
C GLY A 553 -21.23 -5.29 1.86
N VAL A 554 -22.31 -5.45 1.09
CA VAL A 554 -22.50 -6.67 0.29
C VAL A 554 -21.76 -6.51 -1.02
N ILE A 555 -20.84 -7.44 -1.28
CA ILE A 555 -19.88 -7.29 -2.37
C ILE A 555 -20.14 -8.22 -3.55
N THR A 556 -20.85 -7.66 -4.54
CA THR A 556 -21.13 -8.31 -5.81
C THR A 556 -19.99 -8.07 -6.82
N GLY A 557 -19.80 -9.05 -7.72
CA GLY A 557 -18.96 -8.90 -8.91
C GLY A 557 -17.50 -9.27 -8.75
N LEU A 558 -17.10 -9.64 -7.54
CA LEU A 558 -15.68 -9.83 -7.21
C LEU A 558 -15.17 -11.26 -7.40
N PHE A 559 -15.84 -12.21 -6.77
CA PHE A 559 -15.40 -13.60 -6.78
C PHE A 559 -16.48 -14.47 -7.40
N PRO B 5 17.22 15.57 25.51
CA PRO B 5 15.77 15.48 25.50
C PRO B 5 15.13 15.80 24.12
N SER B 6 15.02 14.78 23.25
CA SER B 6 14.48 14.93 21.87
C SER B 6 13.07 14.31 21.71
N ASP B 7 12.45 14.51 20.55
CA ASP B 7 11.03 14.16 20.34
C ASP B 7 10.80 12.66 20.11
N ILE B 8 11.59 12.05 19.24
CA ILE B 8 11.62 10.59 19.11
C ILE B 8 11.87 9.92 20.49
N GLU B 9 12.85 10.41 21.24
CA GLU B 9 13.11 9.91 22.59
C GLU B 9 11.83 9.88 23.40
N ILE B 10 11.21 11.05 23.56
CA ILE B 10 9.96 11.17 24.29
C ILE B 10 8.90 10.20 23.77
N ALA B 11 8.93 9.91 22.47
CA ALA B 11 8.00 8.95 21.86
C ALA B 11 8.25 7.49 22.26
N GLN B 12 9.51 7.12 22.51
CA GLN B 12 9.84 5.77 23.00
C GLN B 12 9.30 5.63 24.42
N ALA B 13 9.67 6.61 25.24
CA ALA B 13 9.36 6.62 26.66
C ALA B 13 7.87 6.77 27.03
N ALA B 14 6.98 6.79 26.04
CA ALA B 14 5.55 6.84 26.34
C ALA B 14 5.05 5.52 26.93
N LYS B 15 4.36 5.63 28.07
CA LYS B 15 3.60 4.51 28.63
C LYS B 15 2.25 4.50 27.92
N MET B 16 2.15 3.71 26.85
CA MET B 16 0.95 3.67 26.03
C MET B 16 -0.13 2.73 26.57
N LYS B 17 -1.31 3.28 26.87
CA LYS B 17 -2.45 2.43 27.22
C LYS B 17 -2.88 1.65 25.98
N PRO B 18 -3.29 0.38 26.16
CA PRO B 18 -3.89 -0.33 25.04
C PRO B 18 -5.07 0.45 24.46
N VAL B 19 -5.22 0.41 23.15
CA VAL B 19 -6.28 1.18 22.51
C VAL B 19 -7.65 0.67 22.93
N MET B 20 -7.79 -0.65 23.03
CA MET B 20 -9.08 -1.24 23.32
C MET B 20 -9.72 -0.61 24.56
N GLU B 21 -8.91 -0.39 25.60
CA GLU B 21 -9.31 0.31 26.81
C GLU B 21 -10.08 1.61 26.53
N LEU B 22 -9.47 2.48 25.73
CA LEU B 22 -10.01 3.82 25.55
C LEU B 22 -11.34 3.74 24.83
N ALA B 23 -11.40 2.85 23.85
CA ALA B 23 -12.57 2.68 23.02
C ALA B 23 -13.79 2.41 23.87
N ARG B 24 -13.69 1.44 24.76
CA ARG B 24 -14.78 1.15 25.70
C ARG B 24 -14.88 2.26 26.75
N GLY B 25 -13.76 2.91 27.08
CA GLY B 25 -13.78 4.14 27.90
C GLY B 25 -14.68 5.20 27.30
N LEU B 26 -14.70 5.29 25.97
CA LEU B 26 -15.54 6.24 25.26
C LEU B 26 -16.95 5.73 24.94
N GLY B 27 -17.24 4.48 25.30
CA GLY B 27 -18.55 3.88 25.01
C GLY B 27 -18.63 3.21 23.64
N ILE B 28 -17.49 2.69 23.18
CA ILE B 28 -17.44 1.88 21.95
C ILE B 28 -17.38 0.39 22.36
N GLN B 29 -18.16 -0.42 21.68
CA GLN B 29 -18.22 -1.84 22.01
C GLN B 29 -16.98 -2.55 21.51
N GLU B 30 -16.78 -3.79 21.97
CA GLU B 30 -15.65 -4.60 21.51
C GLU B 30 -15.75 -4.84 19.98
N ASP B 31 -16.96 -5.03 19.47
CA ASP B 31 -17.19 -5.36 18.06
C ASP B 31 -17.11 -4.19 17.05
N GLU B 32 -16.81 -2.98 17.50
CA GLU B 32 -16.64 -1.84 16.58
C GLU B 32 -15.17 -1.45 16.44
N VAL B 33 -14.29 -2.34 16.92
CA VAL B 33 -12.87 -2.08 17.00
C VAL B 33 -12.16 -3.20 16.26
N GLU B 34 -11.38 -2.82 15.25
CA GLU B 34 -10.51 -3.73 14.54
C GLU B 34 -9.09 -3.27 14.88
N LEU B 35 -8.47 -3.99 15.80
CA LEU B 35 -7.11 -3.68 16.25
C LEU B 35 -6.08 -3.84 15.16
N TYR B 36 -5.05 -3.01 15.20
CA TYR B 36 -3.82 -3.23 14.45
C TYR B 36 -2.72 -3.26 15.50
N GLY B 37 -2.46 -4.41 16.09
CA GLY B 37 -1.61 -4.46 17.27
C GLY B 37 -2.38 -3.78 18.38
N LYS B 38 -1.78 -3.72 19.57
CA LYS B 38 -2.46 -3.24 20.78
C LYS B 38 -2.69 -1.73 20.87
N TYR B 39 -1.85 -0.92 20.22
CA TYR B 39 -1.87 0.56 20.37
C TYR B 39 -2.38 1.33 19.14
N LYS B 40 -2.95 0.61 18.18
CA LYS B 40 -3.70 1.24 17.08
C LYS B 40 -4.95 0.44 16.82
N ALA B 41 -6.01 1.13 16.41
CA ALA B 41 -7.21 0.43 15.96
C ALA B 41 -8.07 1.26 15.02
N LYS B 42 -9.02 0.60 14.38
CA LYS B 42 -9.98 1.28 13.51
C LYS B 42 -11.36 1.15 14.13
N ILE B 43 -12.10 2.27 14.13
CA ILE B 43 -13.43 2.31 14.70
C ILE B 43 -14.46 2.17 13.57
N SER B 44 -15.51 1.40 13.82
CA SER B 44 -16.56 1.20 12.80
C SER B 44 -17.48 2.42 12.68
N LEU B 45 -18.11 2.55 11.52
CA LEU B 45 -19.01 3.67 11.21
C LEU B 45 -20.35 3.49 11.92
N ASP B 46 -20.61 2.28 12.39
CA ASP B 46 -21.81 1.94 13.14
C ASP B 46 -21.88 2.72 14.45
N VAL B 47 -20.74 3.18 14.95
CA VAL B 47 -20.69 4.03 16.15
C VAL B 47 -21.35 5.36 15.87
N TYR B 48 -21.11 5.92 14.69
CA TYR B 48 -21.80 7.13 14.28
C TYR B 48 -23.28 6.85 14.07
N ARG B 49 -23.62 5.84 13.26
CA ARG B 49 -25.03 5.57 12.93
C ARG B 49 -25.89 5.33 14.17
N ARG B 50 -25.35 4.63 15.17
CA ARG B 50 -26.13 4.25 16.35
C ARG B 50 -26.21 5.38 17.40
N LEU B 51 -25.24 6.29 17.39
CA LEU B 51 -25.33 7.55 18.14
C LEU B 51 -25.74 8.75 17.26
N LYS B 52 -26.34 8.48 16.09
CA LYS B 52 -26.71 9.51 15.13
C LYS B 52 -27.38 10.72 15.79
N ASP B 53 -28.32 10.45 16.69
CA ASP B 53 -29.13 11.50 17.32
C ASP B 53 -28.59 12.03 18.67
N LYS B 54 -27.75 11.26 19.36
CA LYS B 54 -27.06 11.78 20.54
C LYS B 54 -26.39 13.11 20.18
N PRO B 55 -26.17 13.97 21.18
CA PRO B 55 -25.74 15.34 20.83
C PRO B 55 -24.24 15.46 20.51
N ASP B 56 -23.90 16.30 19.54
CA ASP B 56 -22.48 16.62 19.31
C ASP B 56 -21.98 17.31 20.58
N GLY B 57 -20.74 17.03 20.96
CA GLY B 57 -20.01 17.88 21.89
C GLY B 57 -19.54 19.13 21.16
N LYS B 58 -18.62 19.87 21.77
CA LYS B 58 -18.15 21.17 21.25
C LYS B 58 -17.02 21.00 20.22
N LEU B 59 -17.03 21.84 19.18
CA LEU B 59 -16.02 21.76 18.12
C LEU B 59 -15.01 22.93 18.16
N ILE B 60 -13.74 22.61 18.45
CA ILE B 60 -12.69 23.62 18.66
C ILE B 60 -11.62 23.55 17.57
N LEU B 61 -11.82 24.30 16.50
CA LEU B 61 -10.82 24.38 15.44
C LEU B 61 -9.57 25.09 15.93
N VAL B 62 -8.43 24.43 15.77
CA VAL B 62 -7.14 25.07 15.91
C VAL B 62 -6.70 25.49 14.52
N THR B 63 -6.17 26.71 14.41
CA THR B 63 -5.53 27.16 13.18
C THR B 63 -4.27 27.93 13.55
N ALA B 64 -3.68 28.63 12.58
CA ALA B 64 -2.47 29.38 12.84
C ALA B 64 -2.36 30.63 11.95
N ILE B 65 -1.49 31.53 12.37
CA ILE B 65 -1.10 32.69 11.57
C ILE B 65 -0.20 32.22 10.45
N THR B 66 0.00 33.12 9.49
CA THR B 66 0.69 32.84 8.22
C THR B 66 2.02 32.11 8.43
N PRO B 67 2.18 30.93 7.82
CA PRO B 67 3.43 30.16 7.94
C PRO B 67 4.73 30.95 7.67
N THR B 68 5.82 30.48 8.28
CA THR B 68 7.13 31.11 8.16
C THR B 68 8.22 30.10 8.53
N PRO B 69 9.44 30.29 8.01
CA PRO B 69 10.67 29.61 8.45
C PRO B 69 10.91 29.60 9.97
N ALA B 70 10.17 30.44 10.69
CA ALA B 70 10.13 30.39 12.16
C ALA B 70 9.40 29.16 12.69
N GLY B 71 8.44 28.63 11.92
CA GLY B 71 7.78 27.36 12.25
C GLY B 71 6.92 27.42 13.50
N GLU B 72 5.65 27.75 13.33
CA GLU B 72 4.79 28.18 14.44
C GLU B 72 4.34 27.07 15.41
N GLY B 73 4.35 25.82 14.94
CA GLY B 73 3.90 24.67 15.74
C GLY B 73 2.39 24.67 16.00
N LYS B 74 1.62 24.26 15.00
CA LYS B 74 0.16 24.26 15.09
C LYS B 74 -0.39 22.97 15.71
N THR B 75 0.12 21.84 15.24
CA THR B 75 -0.28 20.53 15.77
C THR B 75 0.05 20.39 17.27
N THR B 76 1.32 20.57 17.62
CA THR B 76 1.77 20.51 19.02
C THR B 76 0.78 21.21 19.95
N THR B 77 0.35 22.40 19.56
CA THR B 77 -0.59 23.17 20.34
C THR B 77 -1.98 22.51 20.41
N SER B 78 -2.37 21.80 19.35
CA SER B 78 -3.64 21.06 19.34
C SER B 78 -3.59 19.87 20.30
N VAL B 79 -2.46 19.19 20.31
CA VAL B 79 -2.28 18.02 21.16
C VAL B 79 -2.22 18.46 22.62
N GLY B 80 -1.45 19.53 22.85
CA GLY B 80 -1.30 20.11 24.19
C GLY B 80 -2.51 20.83 24.75
N LEU B 81 -3.43 21.29 23.88
CA LEU B 81 -4.74 21.74 24.33
C LEU B 81 -5.65 20.56 24.73
N THR B 82 -5.60 19.48 23.94
CA THR B 82 -6.39 18.26 24.19
C THR B 82 -5.99 17.62 25.55
N ASP B 83 -4.68 17.53 25.78
CA ASP B 83 -4.14 17.07 27.06
C ASP B 83 -4.62 17.93 28.24
N ALA B 84 -4.56 19.25 28.06
CA ALA B 84 -5.03 20.18 29.09
C ALA B 84 -6.48 19.89 29.45
N LEU B 85 -7.37 20.00 28.46
CA LEU B 85 -8.81 19.76 28.67
C LEU B 85 -9.11 18.46 29.42
N ALA B 86 -8.33 17.41 29.13
CA ALA B 86 -8.44 16.12 29.80
C ALA B 86 -8.06 16.21 31.28
N ARG B 87 -7.04 17.02 31.59
CA ARG B 87 -6.62 17.22 32.98
C ARG B 87 -7.67 17.97 33.77
N LEU B 88 -8.52 18.73 33.07
CA LEU B 88 -9.68 19.40 33.69
C LEU B 88 -10.96 18.52 33.69
N GLY B 89 -10.80 17.20 33.73
CA GLY B 89 -11.93 16.26 33.80
C GLY B 89 -12.91 16.24 32.63
N LYS B 90 -12.52 16.84 31.50
CA LYS B 90 -13.39 16.96 30.32
C LYS B 90 -13.22 15.77 29.34
N ARG B 91 -14.33 15.14 28.97
CA ARG B 91 -14.32 14.08 27.94
C ARG B 91 -13.99 14.75 26.59
N VAL B 92 -12.77 14.49 26.11
CA VAL B 92 -12.25 15.14 24.92
C VAL B 92 -11.37 14.18 24.11
N MET B 93 -11.41 14.35 22.78
CA MET B 93 -10.41 13.77 21.90
C MET B 93 -10.00 14.78 20.83
N VAL B 94 -8.83 14.55 20.26
CA VAL B 94 -8.31 15.36 19.16
C VAL B 94 -8.49 14.59 17.87
N CYS B 95 -8.56 15.31 16.74
CA CYS B 95 -8.59 14.68 15.42
C CYS B 95 -7.55 15.34 14.54
N LEU B 96 -6.62 14.56 14.00
CA LEU B 96 -5.48 15.06 13.21
C LEU B 96 -5.31 14.32 11.89
N ARG B 97 -4.44 14.82 11.04
CA ARG B 97 -4.24 14.25 9.70
C ARG B 97 -3.15 13.17 9.69
N GLU B 98 -3.28 12.17 8.83
CA GLU B 98 -2.19 11.21 8.67
C GLU B 98 -1.13 11.78 7.72
N PRO B 99 0.14 11.79 8.16
CA PRO B 99 1.23 12.29 7.32
C PRO B 99 1.61 11.31 6.21
N SER B 100 2.01 11.88 5.06
CA SER B 100 2.54 11.14 3.91
C SER B 100 3.75 10.36 4.36
N LEU B 101 3.97 9.19 3.78
CA LEU B 101 5.17 8.40 4.07
C LEU B 101 6.40 9.14 3.55
N GLY B 102 6.33 9.56 2.28
CA GLY B 102 7.47 10.10 1.53
C GLY B 102 8.46 11.01 2.25
N PRO B 103 7.96 12.08 2.86
CA PRO B 103 8.86 13.00 3.57
C PRO B 103 9.80 12.32 4.57
N SER B 104 9.37 11.23 5.22
CA SER B 104 10.21 10.51 6.18
C SER B 104 11.58 10.14 5.60
N PHE B 105 11.63 10.04 4.26
CA PHE B 105 12.85 9.64 3.54
C PHE B 105 13.58 10.81 2.85
N GLY B 106 12.93 11.96 2.80
CA GLY B 106 13.54 13.19 2.33
C GLY B 106 14.18 13.90 3.50
N ILE B 107 13.55 14.96 3.99
CA ILE B 107 14.07 15.64 5.18
C ILE B 107 13.38 15.15 6.46
N LYS B 108 12.08 14.88 6.33
CA LYS B 108 11.16 14.92 7.48
C LYS B 108 11.06 13.57 8.14
N GLY B 109 9.99 13.39 8.92
CA GLY B 109 9.90 12.31 9.88
C GLY B 109 9.88 13.04 11.20
N GLY B 110 8.69 13.51 11.54
CA GLY B 110 8.48 14.27 12.77
C GLY B 110 7.34 13.71 13.61
N ALA B 111 7.23 14.22 14.83
CA ALA B 111 6.15 13.86 15.73
C ALA B 111 4.82 14.41 15.20
N ALA B 112 3.76 13.65 15.39
CA ALA B 112 2.42 14.19 15.28
C ALA B 112 2.25 15.13 16.47
N GLY B 113 2.50 16.43 16.24
CA GLY B 113 2.71 17.40 17.32
C GLY B 113 4.20 17.50 17.68
N GLY B 114 4.51 17.66 18.96
CA GLY B 114 5.92 17.75 19.37
C GLY B 114 6.18 17.77 20.87
N GLY B 115 7.47 17.78 21.22
CA GLY B 115 7.92 17.80 22.61
C GLY B 115 7.19 16.81 23.48
N TYR B 116 6.34 17.33 24.37
CA TYR B 116 5.51 16.52 25.29
C TYR B 116 4.02 16.59 24.93
N ALA B 117 3.74 17.08 23.73
CA ALA B 117 2.41 17.06 23.15
C ALA B 117 2.44 16.29 21.83
N GLN B 118 2.47 14.96 21.94
CA GLN B 118 2.51 14.09 20.78
C GLN B 118 1.32 13.14 20.72
N VAL B 119 1.02 12.64 19.52
CA VAL B 119 0.18 11.47 19.35
C VAL B 119 1.08 10.31 18.90
N VAL B 120 0.82 9.14 19.49
CA VAL B 120 1.69 7.96 19.39
C VAL B 120 0.90 6.69 19.00
N PRO B 121 1.60 5.65 18.48
CA PRO B 121 3.04 5.50 18.24
C PRO B 121 3.54 6.27 17.02
N MET B 122 4.44 7.22 17.27
CA MET B 122 4.95 8.16 16.27
C MET B 122 5.44 7.51 14.98
N GLU B 123 6.10 6.37 15.12
CA GLU B 123 6.81 5.73 13.99
C GLU B 123 5.92 4.99 13.00
N ASP B 124 4.82 4.44 13.47
CA ASP B 124 3.82 3.81 12.61
C ASP B 124 3.01 4.87 11.87
N ILE B 125 2.72 5.95 12.57
CA ILE B 125 1.99 7.11 12.01
C ILE B 125 2.72 7.69 10.79
N ASN B 126 4.03 7.88 10.90
CA ASN B 126 4.82 8.32 9.74
C ASN B 126 5.11 7.24 8.66
N LEU B 127 4.71 5.98 8.86
CA LEU B 127 5.06 4.92 7.90
C LEU B 127 3.87 4.31 7.18
N HIS B 128 3.47 3.07 7.46
CA HIS B 128 2.32 2.48 6.76
C HIS B 128 1.04 2.70 7.58
N PHE B 129 1.24 2.97 8.87
CA PHE B 129 0.16 3.18 9.82
C PHE B 129 -0.83 2.04 9.69
N THR B 130 -2.08 2.32 9.33
CA THR B 130 -3.06 1.28 9.08
C THR B 130 -3.40 1.20 7.59
N GLY B 131 -2.53 1.71 6.71
CA GLY B 131 -2.68 1.48 5.28
C GLY B 131 -3.73 2.33 4.56
N ASP B 132 -4.22 3.35 5.25
CA ASP B 132 -5.15 4.27 4.62
C ASP B 132 -4.61 4.84 3.31
N ILE B 133 -3.33 5.17 3.24
CA ILE B 133 -2.79 5.81 2.03
C ILE B 133 -2.62 4.78 0.89
N HIS B 134 -2.17 3.56 1.18
CA HIS B 134 -2.07 2.52 0.14
C HIS B 134 -3.48 2.25 -0.42
N ALA B 135 -4.49 2.30 0.44
CA ALA B 135 -5.86 2.14 -0.06
C ALA B 135 -6.12 3.26 -1.09
N VAL B 136 -5.73 4.50 -0.74
CA VAL B 136 -5.91 5.64 -1.63
C VAL B 136 -5.15 5.45 -2.95
N THR B 137 -3.85 5.27 -2.80
CA THR B 137 -2.94 5.02 -3.89
C THR B 137 -3.54 4.02 -4.87
N TYR B 138 -3.99 2.87 -4.39
CA TYR B 138 -4.48 1.82 -5.30
C TYR B 138 -5.88 2.15 -5.92
N ALA B 139 -6.75 2.74 -5.11
CA ALA B 139 -7.99 3.26 -5.62
C ALA B 139 -7.78 4.31 -6.73
N HIS B 140 -6.82 5.20 -6.55
CA HIS B 140 -6.44 6.15 -7.62
C HIS B 140 -5.83 5.46 -8.87
N ASN B 141 -4.92 4.52 -8.64
CA ASN B 141 -4.15 3.96 -9.73
C ASN B 141 -4.92 2.91 -10.50
N LEU B 142 -5.70 2.08 -9.82
CA LEU B 142 -6.72 1.28 -10.52
C LEU B 142 -7.43 2.10 -11.62
N LEU B 143 -7.96 3.27 -11.25
CA LEU B 143 -8.76 4.11 -12.15
C LEU B 143 -7.93 4.56 -13.34
N ALA B 144 -6.72 5.04 -13.07
CA ALA B 144 -5.82 5.41 -14.14
C ALA B 144 -5.70 4.25 -15.12
N ALA B 145 -5.47 3.05 -14.59
CA ALA B 145 -5.25 1.85 -15.41
C ALA B 145 -6.52 1.49 -16.16
N MET B 146 -7.64 1.70 -15.48
CA MET B 146 -8.91 1.52 -16.13
C MET B 146 -9.09 2.49 -17.30
N VAL B 147 -8.64 3.73 -17.16
CA VAL B 147 -8.74 4.68 -18.25
C VAL B 147 -7.86 4.23 -19.41
N ASP B 148 -6.58 4.02 -19.13
CA ASP B 148 -5.64 3.54 -20.13
C ASP B 148 -6.13 2.25 -20.78
N ASN B 149 -6.63 1.29 -20.01
CA ASN B 149 -7.16 0.04 -20.61
C ASN B 149 -8.34 0.29 -21.54
N HIS B 150 -9.20 1.23 -21.15
CA HIS B 150 -10.31 1.62 -22.00
C HIS B 150 -9.82 1.90 -23.40
N LEU B 151 -8.84 2.81 -23.50
CA LEU B 151 -8.28 3.22 -24.77
C LEU B 151 -7.77 2.03 -25.53
N GLN B 152 -7.01 1.18 -24.84
CA GLN B 152 -6.50 -0.04 -25.44
C GLN B 152 -7.62 -0.85 -26.08
N GLN B 153 -8.82 -0.82 -25.50
CA GLN B 153 -9.93 -1.68 -25.98
C GLN B 153 -10.85 -1.06 -27.05
N GLY B 154 -10.29 -0.17 -27.85
CA GLY B 154 -11.10 0.53 -28.84
C GLY B 154 -11.63 1.89 -28.41
N ASN B 155 -11.37 2.33 -27.18
CA ASN B 155 -11.77 3.67 -26.79
C ASN B 155 -13.24 3.97 -27.16
N VAL B 156 -14.14 3.08 -26.74
CA VAL B 156 -15.59 3.21 -26.96
C VAL B 156 -16.14 4.60 -26.62
N LEU B 157 -15.66 5.17 -25.51
CA LEU B 157 -16.20 6.44 -25.00
C LEU B 157 -15.67 7.57 -25.83
N ASN B 158 -14.72 7.24 -26.69
CA ASN B 158 -14.18 8.17 -27.63
C ASN B 158 -13.49 9.30 -26.89
N ILE B 159 -12.58 8.90 -25.99
CA ILE B 159 -11.78 9.85 -25.21
C ILE B 159 -10.66 10.46 -26.05
N ASP B 160 -10.30 11.72 -25.78
CA ASP B 160 -9.06 12.26 -26.31
C ASP B 160 -7.94 12.01 -25.27
N PRO B 161 -7.02 11.02 -25.53
CA PRO B 161 -5.98 10.77 -24.51
C PRO B 161 -5.24 12.02 -24.07
N ARG B 162 -5.23 13.05 -24.90
CA ARG B 162 -4.51 14.29 -24.57
C ARG B 162 -5.30 15.21 -23.63
N THR B 163 -6.57 14.93 -23.42
CA THR B 163 -7.31 15.79 -22.53
C THR B 163 -7.22 15.27 -21.09
N ILE B 164 -6.63 14.07 -20.94
CA ILE B 164 -6.73 13.31 -19.70
C ILE B 164 -6.09 14.04 -18.53
N THR B 165 -6.92 14.35 -17.54
CA THR B 165 -6.48 15.06 -16.38
C THR B 165 -6.13 14.10 -15.25
N TRP B 166 -6.61 12.85 -15.29
CA TRP B 166 -6.38 11.86 -14.22
C TRP B 166 -4.98 11.29 -14.30
N ARG B 167 -4.17 11.68 -13.32
CA ARG B 167 -2.78 11.31 -13.27
C ARG B 167 -2.67 10.04 -12.40
N ARG B 168 -1.44 9.58 -12.15
CA ARG B 168 -1.21 8.53 -11.19
C ARG B 168 -0.68 9.14 -9.89
N VAL B 169 -0.56 8.33 -8.86
CA VAL B 169 0.07 8.76 -7.62
C VAL B 169 1.02 7.70 -7.09
N ILE B 170 1.97 8.15 -6.27
CA ILE B 170 2.81 7.32 -5.45
C ILE B 170 3.17 8.24 -4.30
N ASP B 171 3.34 7.70 -3.08
CA ASP B 171 3.51 8.51 -1.86
C ASP B 171 4.97 8.66 -1.46
N LEU B 172 5.80 8.90 -2.46
CA LEU B 172 7.23 9.15 -2.31
C LEU B 172 7.53 10.47 -3.00
N ASN B 173 8.56 11.17 -2.53
CA ASN B 173 8.98 12.39 -3.22
C ASN B 173 9.84 12.00 -4.40
N ASP B 174 9.22 11.83 -5.54
CA ASP B 174 9.92 11.33 -6.71
C ASP B 174 9.68 12.26 -7.89
N ARG B 175 10.57 13.23 -8.04
CA ARG B 175 10.40 14.28 -9.04
C ARG B 175 10.56 13.74 -10.46
N ALA B 176 11.23 12.60 -10.62
CA ALA B 176 11.40 11.99 -11.96
C ALA B 176 10.11 11.51 -12.56
N LEU B 177 9.09 11.29 -11.73
CA LEU B 177 7.77 10.87 -12.23
C LEU B 177 6.79 12.01 -12.50
N ARG B 178 7.18 13.28 -12.27
CA ARG B 178 6.28 14.46 -12.51
C ARG B 178 5.72 14.55 -13.92
N ASN B 179 6.60 14.48 -14.92
CA ASN B 179 6.19 14.47 -16.32
C ASN B 179 6.82 13.26 -17.00
N ILE B 180 5.97 12.34 -17.46
CA ILE B 180 6.36 11.13 -18.18
C ILE B 180 5.54 10.93 -19.48
N VAL B 181 5.97 10.00 -20.33
CA VAL B 181 5.15 9.48 -21.41
C VAL B 181 4.92 8.01 -21.16
N ILE B 182 3.66 7.56 -21.20
CA ILE B 182 3.34 6.14 -21.01
C ILE B 182 2.81 5.57 -22.29
N GLY B 183 2.60 4.26 -22.24
CA GLY B 183 1.84 3.55 -23.23
C GLY B 183 2.71 3.26 -24.40
N LEU B 184 4.02 3.25 -24.22
CA LEU B 184 4.90 2.93 -25.39
C LEU B 184 5.04 1.40 -25.61
N GLY B 185 5.57 1.07 -26.78
CA GLY B 185 5.88 -0.31 -27.11
C GLY B 185 5.12 -0.85 -28.29
N GLY B 186 4.06 -0.19 -28.74
CA GLY B 186 3.37 -0.63 -29.93
C GLY B 186 1.97 -1.06 -29.63
N LYS B 187 1.24 -1.47 -30.65
CA LYS B 187 -0.22 -1.67 -30.52
C LYS B 187 -0.61 -2.64 -29.38
N ALA B 188 0.28 -3.57 -29.05
CA ALA B 188 0.05 -4.51 -27.96
C ALA B 188 0.16 -3.87 -26.60
N ASN B 189 0.61 -2.62 -26.52
CA ASN B 189 1.10 -2.13 -25.21
C ASN B 189 0.48 -0.87 -24.65
N GLY B 190 -0.65 -0.47 -25.18
CA GLY B 190 -1.27 0.75 -24.74
C GLY B 190 -1.21 1.81 -25.81
N VAL B 191 -1.52 3.03 -25.38
CA VAL B 191 -1.72 4.13 -26.25
C VAL B 191 -0.80 5.23 -25.72
N PRO B 192 0.20 5.61 -26.54
CA PRO B 192 1.13 6.63 -26.08
C PRO B 192 0.44 7.94 -25.65
N ARG B 193 0.79 8.40 -24.44
CA ARG B 193 0.27 9.67 -23.97
C ARG B 193 1.11 10.24 -22.84
N GLU B 194 1.10 11.56 -22.76
CA GLU B 194 1.81 12.29 -21.74
C GLU B 194 0.96 12.34 -20.48
N THR B 195 1.59 12.07 -19.34
CA THR B 195 0.90 12.14 -18.07
C THR B 195 1.96 12.29 -16.99
N GLY B 196 1.63 12.02 -15.74
CA GLY B 196 2.64 12.09 -14.68
C GLY B 196 2.14 11.48 -13.39
N PHE B 197 2.98 11.50 -12.35
CA PHE B 197 2.55 11.12 -10.99
C PHE B 197 2.51 12.31 -9.99
N ASP B 198 1.68 12.17 -8.96
CA ASP B 198 1.54 13.16 -7.89
C ASP B 198 1.59 12.47 -6.56
N ILE B 199 2.04 13.15 -5.52
CA ILE B 199 2.13 12.43 -4.27
C ILE B 199 0.70 12.02 -3.88
N SER B 200 0.58 10.90 -3.19
CA SER B 200 -0.74 10.25 -2.95
C SER B 200 -1.68 11.07 -2.08
N VAL B 201 -1.10 11.85 -1.15
CA VAL B 201 -1.92 12.73 -0.28
C VAL B 201 -2.53 13.92 -1.08
N ALA B 202 -1.91 14.25 -2.20
CA ALA B 202 -2.48 15.23 -3.14
C ALA B 202 -3.60 14.67 -4.01
N SER B 203 -4.01 13.42 -3.79
CA SER B 203 -5.02 12.77 -4.66
C SER B 203 -6.37 13.40 -4.45
N GLU B 204 -7.21 13.44 -5.49
CA GLU B 204 -8.63 13.77 -5.30
C GLU B 204 -9.31 12.69 -4.44
N VAL B 205 -8.85 11.45 -4.62
CA VAL B 205 -9.34 10.31 -3.86
C VAL B 205 -9.03 10.45 -2.40
N MET B 206 -7.97 11.19 -2.06
CA MET B 206 -7.68 11.48 -0.65
C MET B 206 -8.63 12.54 -0.16
N ALA B 207 -8.80 13.57 -0.97
CA ALA B 207 -9.77 14.58 -0.68
C ALA B 207 -11.13 13.94 -0.43
N CYS B 208 -11.55 13.04 -1.32
CA CYS B 208 -12.87 12.40 -1.22
C CYS B 208 -13.01 11.61 0.07
N LEU B 209 -11.99 10.84 0.41
CA LEU B 209 -12.01 10.12 1.68
C LEU B 209 -12.30 11.07 2.84
N CYS B 210 -11.65 12.24 2.85
CA CYS B 210 -11.76 13.23 3.95
C CYS B 210 -13.06 14.08 3.99
N LEU B 211 -13.85 14.00 2.92
CA LEU B 211 -15.14 14.67 2.84
C LEU B 211 -16.32 13.70 2.75
N ALA B 212 -16.07 12.45 2.38
CA ALA B 212 -17.15 11.49 2.22
C ALA B 212 -17.82 11.24 3.57
N SER B 213 -19.16 11.13 3.53
CA SER B 213 -19.92 10.90 4.76
C SER B 213 -19.88 9.45 5.18
N ASP B 214 -19.91 8.53 4.22
CA ASP B 214 -19.86 7.12 4.53
C ASP B 214 -19.26 6.41 3.34
N LEU B 215 -19.26 5.08 3.34
CA LEU B 215 -18.67 4.35 2.24
C LEU B 215 -19.45 4.53 0.94
N MET B 216 -20.78 4.59 1.03
CA MET B 216 -21.62 4.78 -0.18
C MET B 216 -21.50 6.18 -0.76
N ASP B 217 -21.26 7.18 0.09
CA ASP B 217 -21.10 8.55 -0.37
C ASP B 217 -19.73 8.69 -1.02
N LEU B 218 -18.77 7.97 -0.46
CA LEU B 218 -17.46 7.88 -1.06
C LEU B 218 -17.56 7.27 -2.44
N LYS B 219 -18.36 6.22 -2.59
CA LYS B 219 -18.55 5.61 -3.91
C LYS B 219 -19.21 6.55 -4.91
N GLU B 220 -20.35 7.13 -4.51
CA GLU B 220 -21.08 8.12 -5.33
C GLU B 220 -20.13 9.21 -5.83
N ARG B 221 -19.36 9.76 -4.90
CA ARG B 221 -18.36 10.76 -5.24
C ARG B 221 -17.44 10.26 -6.34
N PHE B 222 -16.78 9.14 -6.11
CA PHE B 222 -15.93 8.53 -7.12
C PHE B 222 -16.62 8.52 -8.48
N SER B 223 -17.88 8.12 -8.51
CA SER B 223 -18.68 8.08 -9.75
C SER B 223 -18.65 9.38 -10.53
N ARG B 224 -18.58 10.51 -9.81
CA ARG B 224 -18.63 11.84 -10.43
C ARG B 224 -17.27 12.33 -10.85
N ILE B 225 -16.22 11.57 -10.52
CA ILE B 225 -14.87 12.01 -10.82
C ILE B 225 -14.71 12.14 -12.32
N VAL B 226 -14.05 13.21 -12.74
CA VAL B 226 -13.75 13.49 -14.13
C VAL B 226 -12.29 13.17 -14.43
N VAL B 227 -12.07 12.34 -15.44
CA VAL B 227 -10.75 11.83 -15.78
C VAL B 227 -10.22 12.46 -17.04
N GLY B 228 -11.15 12.96 -17.88
CA GLY B 228 -10.80 13.64 -19.15
C GLY B 228 -12.05 13.98 -19.98
N TYR B 229 -11.83 14.28 -21.26
CA TYR B 229 -12.92 14.63 -22.19
C TYR B 229 -12.87 13.80 -23.49
N THR B 230 -13.96 13.83 -24.24
CA THR B 230 -14.06 13.15 -25.53
C THR B 230 -13.52 14.13 -26.58
N TYR B 231 -13.40 13.69 -27.82
CA TYR B 231 -12.97 14.59 -28.91
C TYR B 231 -13.94 15.77 -29.12
N ASP B 232 -15.24 15.51 -28.95
CA ASP B 232 -16.29 16.56 -28.98
C ASP B 232 -16.22 17.57 -27.78
N GLY B 233 -15.58 17.17 -26.67
CA GLY B 233 -15.44 18.02 -25.47
C GLY B 233 -16.33 17.63 -24.30
N LYS B 234 -17.13 16.57 -24.48
CA LYS B 234 -17.99 16.02 -23.44
C LYS B 234 -17.18 15.33 -22.31
N PRO B 235 -17.32 15.79 -21.04
CA PRO B 235 -16.59 15.12 -19.96
C PRO B 235 -16.90 13.64 -19.83
N VAL B 236 -15.95 12.90 -19.31
CA VAL B 236 -16.06 11.46 -19.13
C VAL B 236 -15.67 11.22 -17.72
N THR B 237 -16.41 10.38 -16.99
CA THR B 237 -16.19 10.22 -15.56
C THR B 237 -15.86 8.78 -15.19
N ALA B 238 -15.41 8.59 -13.97
CA ALA B 238 -15.19 7.24 -13.47
C ALA B 238 -16.52 6.44 -13.49
N GLY B 239 -17.62 7.10 -13.12
CA GLY B 239 -18.96 6.58 -13.37
C GLY B 239 -19.16 6.03 -14.77
N ASP B 240 -18.65 6.71 -15.80
CA ASP B 240 -18.76 6.22 -17.17
C ASP B 240 -17.91 4.98 -17.39
N LEU B 241 -16.88 4.84 -16.56
CA LEU B 241 -15.95 3.71 -16.69
C LEU B 241 -16.29 2.60 -15.74
N GLU B 242 -17.38 2.80 -15.01
CA GLU B 242 -17.91 1.81 -14.09
C GLU B 242 -16.85 1.34 -13.09
N ALA B 243 -16.12 2.32 -12.55
CA ALA B 243 -14.96 2.09 -11.70
C ALA B 243 -15.27 2.28 -10.22
N GLN B 244 -16.30 3.04 -9.90
CA GLN B 244 -16.56 3.44 -8.51
C GLN B 244 -16.77 2.28 -7.52
N GLY B 245 -17.30 1.16 -8.00
CA GLY B 245 -17.49 0.00 -7.13
C GLY B 245 -16.15 -0.54 -6.66
N SER B 246 -15.24 -0.66 -7.61
CA SER B 246 -13.92 -1.21 -7.38
C SER B 246 -13.06 -0.30 -6.51
N MET B 247 -13.28 1.00 -6.64
CA MET B 247 -12.54 1.97 -5.86
C MET B 247 -13.09 1.97 -4.45
N ALA B 248 -14.41 1.98 -4.31
CA ALA B 248 -15.07 1.87 -3.00
C ALA B 248 -14.57 0.63 -2.30
N LEU B 249 -14.45 -0.49 -3.03
CA LEU B 249 -14.05 -1.77 -2.43
C LEU B 249 -12.68 -1.70 -1.80
N LEU B 250 -11.72 -1.12 -2.54
CA LEU B 250 -10.35 -0.98 -2.08
C LEU B 250 -10.21 -0.07 -0.88
N MET B 251 -11.30 0.62 -0.52
CA MET B 251 -11.36 1.60 0.57
C MET B 251 -12.29 1.17 1.71
N LYS B 252 -12.77 -0.07 1.71
CA LYS B 252 -13.75 -0.51 2.72
C LYS B 252 -13.20 -0.34 4.13
N ASP B 253 -11.90 -0.56 4.30
CA ASP B 253 -11.20 -0.41 5.58
C ASP B 253 -10.69 1.03 5.85
N ALA B 254 -10.11 1.62 4.82
CA ALA B 254 -9.60 2.97 4.93
C ALA B 254 -10.64 3.99 5.35
N ILE B 255 -11.91 3.72 5.04
CA ILE B 255 -13.00 4.64 5.40
C ILE B 255 -13.15 4.75 6.95
N LYS B 256 -12.69 3.74 7.70
CA LYS B 256 -12.82 3.76 9.16
C LYS B 256 -11.73 4.65 9.75
N PRO B 257 -12.07 5.48 10.74
CA PRO B 257 -10.99 6.26 11.35
C PRO B 257 -10.14 5.43 12.31
N ASN B 258 -8.91 5.88 12.55
CA ASN B 258 -7.98 5.15 13.39
C ASN B 258 -7.85 5.74 14.81
N LEU B 259 -8.21 4.98 15.84
CA LEU B 259 -8.00 5.45 17.20
C LEU B 259 -6.54 5.19 17.59
N VAL B 260 -5.91 6.22 18.14
CA VAL B 260 -4.60 6.16 18.76
C VAL B 260 -4.71 7.09 19.96
N GLN B 261 -3.59 7.44 20.59
CA GLN B 261 -3.62 8.29 21.78
C GLN B 261 -2.51 9.34 21.82
N THR B 262 -2.59 10.22 22.82
CA THR B 262 -1.54 11.17 23.15
C THR B 262 -0.55 10.58 24.16
N LEU B 263 0.53 11.30 24.43
CA LEU B 263 1.51 10.86 25.44
C LEU B 263 0.90 10.72 26.83
N GLU B 264 -0.15 11.48 27.11
CA GLU B 264 -0.86 11.38 28.39
C GLU B 264 -2.12 10.54 28.24
N ASN B 265 -2.08 9.60 27.29
CA ASN B 265 -3.17 8.65 27.02
C ASN B 265 -4.51 9.24 26.57
N THR B 266 -4.53 10.48 26.07
CA THR B 266 -5.79 11.10 25.63
C THR B 266 -6.12 10.53 24.25
N PRO B 267 -7.29 9.90 24.13
CA PRO B 267 -7.62 9.26 22.86
C PRO B 267 -7.51 10.27 21.73
N ALA B 268 -7.05 9.82 20.57
CA ALA B 268 -6.96 10.66 19.38
C ALA B 268 -7.37 9.85 18.16
N PHE B 269 -7.95 10.54 17.17
CA PHE B 269 -8.17 10.00 15.85
C PHE B 269 -7.11 10.55 14.90
N ILE B 270 -6.59 9.71 14.02
CA ILE B 270 -5.84 10.17 12.86
C ILE B 270 -6.45 9.53 11.64
N HIS B 271 -7.09 10.33 10.83
CA HIS B 271 -7.74 9.79 9.68
C HIS B 271 -7.75 10.78 8.55
N GLY B 272 -7.16 10.35 7.43
CA GLY B 272 -7.06 11.21 6.26
C GLY B 272 -5.97 12.22 6.45
N GLY B 273 -5.75 13.04 5.41
CA GLY B 273 -4.65 13.99 5.38
C GLY B 273 -4.38 14.44 3.96
N PRO B 274 -5.08 15.51 3.50
CA PRO B 274 -4.95 15.99 2.14
C PRO B 274 -4.07 17.25 2.04
N PHE B 275 -3.76 17.63 0.81
CA PHE B 275 -3.13 18.91 0.55
C PHE B 275 -4.03 20.06 1.02
N ALA B 276 -3.43 21.19 1.41
CA ALA B 276 -4.24 22.31 1.96
C ALA B 276 -4.34 23.49 0.99
N ASN B 277 -3.93 23.28 -0.27
CA ASN B 277 -4.05 24.27 -1.35
C ASN B 277 -5.02 23.82 -2.47
N ILE B 278 -4.63 22.79 -3.24
CA ILE B 278 -5.51 22.17 -4.22
C ILE B 278 -6.63 21.40 -3.54
N ALA B 279 -6.50 21.25 -2.22
CA ALA B 279 -7.59 20.75 -1.42
C ALA B 279 -7.72 21.61 -0.14
N HIS B 280 -8.40 21.08 0.88
CA HIS B 280 -8.89 21.84 2.01
C HIS B 280 -8.20 21.50 3.32
N GLY B 281 -7.13 20.72 3.25
CA GLY B 281 -6.28 20.44 4.42
C GLY B 281 -6.91 20.10 5.77
N CYS B 282 -8.05 19.42 5.78
CA CYS B 282 -8.66 18.92 7.03
C CYS B 282 -8.53 17.42 7.18
N ASN B 283 -8.66 16.93 8.41
CA ASN B 283 -8.83 15.49 8.58
C ASN B 283 -10.26 15.10 8.21
N SER B 284 -10.55 13.80 8.18
CA SER B 284 -11.83 13.34 7.66
C SER B 284 -13.03 13.80 8.47
N ILE B 285 -14.15 13.98 7.77
CA ILE B 285 -15.44 14.35 8.37
C ILE B 285 -15.93 13.22 9.25
N ILE B 286 -15.69 12.01 8.76
CA ILE B 286 -16.01 10.78 9.46
C ILE B 286 -15.43 10.80 10.88
N ALA B 287 -14.11 11.02 10.98
CA ALA B 287 -13.38 11.02 12.27
C ALA B 287 -13.88 12.07 13.23
N THR B 288 -14.04 13.30 12.75
CA THR B 288 -14.52 14.35 13.61
C THR B 288 -16.01 14.16 13.98
N LYS B 289 -16.82 13.63 13.06
CA LYS B 289 -18.25 13.46 13.35
C LYS B 289 -18.52 12.24 14.22
N THR B 290 -17.68 11.22 14.10
CA THR B 290 -17.66 10.18 15.10
C THR B 290 -17.18 10.80 16.40
N ALA B 291 -16.11 11.60 16.32
CA ALA B 291 -15.52 12.17 17.52
C ALA B 291 -16.47 13.13 18.24
N LEU B 292 -17.43 13.72 17.54
CA LEU B 292 -18.42 14.59 18.17
C LEU B 292 -19.39 13.85 19.10
N LYS B 293 -19.70 12.60 18.78
CA LYS B 293 -20.57 11.78 19.60
C LYS B 293 -19.84 11.21 20.81
N LEU B 294 -18.54 10.96 20.66
CA LEU B 294 -17.78 10.30 21.72
C LEU B 294 -17.19 11.26 22.76
N ALA B 295 -17.42 12.55 22.59
CA ALA B 295 -16.90 13.49 23.56
C ALA B 295 -17.79 14.72 23.65
N ASP B 296 -17.59 15.48 24.71
CA ASP B 296 -18.22 16.79 24.84
C ASP B 296 -17.34 17.79 24.12
N TYR B 297 -16.07 17.46 23.98
CA TYR B 297 -15.11 18.36 23.36
C TYR B 297 -14.34 17.65 22.26
N VAL B 298 -14.24 18.30 21.10
CA VAL B 298 -13.39 17.83 20.00
C VAL B 298 -12.47 18.97 19.57
N VAL B 299 -11.17 18.75 19.70
CA VAL B 299 -10.19 19.65 19.09
C VAL B 299 -9.86 19.06 17.71
N THR B 300 -9.65 19.93 16.72
CA THR B 300 -9.10 19.50 15.44
C THR B 300 -8.28 20.61 14.79
N GLU B 301 -7.70 20.33 13.63
CA GLU B 301 -6.90 21.34 12.93
C GLU B 301 -7.14 21.38 11.42
N ALA B 302 -6.50 22.35 10.77
CA ALA B 302 -6.46 22.50 9.31
C ALA B 302 -5.12 23.05 8.82
N GLY B 303 -4.69 22.58 7.66
CA GLY B 303 -3.39 22.92 7.10
C GLY B 303 -3.16 24.39 6.78
N PHE B 304 -1.88 24.78 6.83
CA PHE B 304 -1.44 26.15 6.57
C PHE B 304 -2.07 27.17 7.55
N GLY B 305 -1.91 28.46 7.23
CA GLY B 305 -2.51 29.57 8.01
C GLY B 305 -4.03 29.66 7.90
N ALA B 306 -4.63 30.44 8.78
CA ALA B 306 -6.09 30.52 8.85
C ALA B 306 -6.79 31.00 7.57
N ASP B 307 -6.09 31.79 6.76
CA ASP B 307 -6.64 32.26 5.48
C ASP B 307 -6.93 31.11 4.51
N LEU B 308 -6.21 29.99 4.67
CA LEU B 308 -6.45 28.80 3.84
C LEU B 308 -7.18 27.67 4.59
N GLY B 309 -6.48 26.97 5.49
CA GLY B 309 -7.05 25.83 6.22
C GLY B 309 -8.35 26.18 6.89
N ALA B 310 -8.31 27.24 7.69
CA ALA B 310 -9.49 27.70 8.41
C ALA B 310 -10.63 28.13 7.47
N GLU B 311 -10.31 28.88 6.42
CA GLU B 311 -11.37 29.29 5.50
C GLU B 311 -12.02 28.05 4.92
N LYS B 312 -11.20 27.12 4.43
CA LYS B 312 -11.69 25.88 3.81
C LYS B 312 -12.26 24.90 4.80
N PHE B 313 -11.79 24.95 6.04
CA PHE B 313 -12.42 24.20 7.12
C PHE B 313 -13.87 24.61 7.26
N TYR B 314 -14.10 25.92 7.35
CA TYR B 314 -15.43 26.46 7.50
C TYR B 314 -16.25 26.30 6.22
N ASP B 315 -15.77 26.84 5.12
CA ASP B 315 -16.57 26.90 3.89
C ASP B 315 -16.71 25.59 3.11
N VAL B 316 -16.03 24.54 3.54
CA VAL B 316 -16.11 23.24 2.84
C VAL B 316 -16.48 22.13 3.80
N LYS B 317 -15.61 21.87 4.78
CA LYS B 317 -15.75 20.74 5.67
C LYS B 317 -17.03 20.86 6.51
N CYS B 318 -17.24 22.04 7.09
CA CYS B 318 -18.44 22.32 7.88
C CYS B 318 -19.70 22.39 7.01
N ARG B 319 -19.63 23.10 5.87
CA ARG B 319 -20.76 23.20 4.92
C ARG B 319 -21.35 21.82 4.59
N TYR B 320 -20.48 20.93 4.14
CA TYR B 320 -20.87 19.55 3.78
C TYR B 320 -21.46 18.76 4.95
N ALA B 321 -20.81 18.86 6.12
CA ALA B 321 -21.18 18.06 7.29
C ALA B 321 -22.22 18.75 8.17
N GLY B 322 -22.46 20.04 7.91
CA GLY B 322 -23.37 20.86 8.71
C GLY B 322 -22.86 21.02 10.14
N PHE B 323 -21.58 21.36 10.28
CA PHE B 323 -21.00 21.67 11.60
C PHE B 323 -21.12 23.14 11.90
N LYS B 324 -20.93 23.47 13.19
CA LYS B 324 -21.00 24.84 13.69
C LYS B 324 -19.91 25.04 14.74
N PRO B 325 -18.65 25.29 14.30
CA PRO B 325 -17.51 25.51 15.21
C PRO B 325 -17.79 26.49 16.35
N ASP B 326 -17.59 26.01 17.58
CA ASP B 326 -18.00 26.75 18.77
C ASP B 326 -16.94 27.77 19.19
N ALA B 327 -15.68 27.45 18.96
CA ALA B 327 -14.58 28.37 19.17
C ALA B 327 -13.52 28.07 18.14
N THR B 328 -12.52 28.92 18.07
CA THR B 328 -11.37 28.68 17.24
C THR B 328 -10.14 29.18 17.96
N VAL B 329 -9.06 28.44 17.85
CA VAL B 329 -7.77 28.89 18.30
C VAL B 329 -6.98 29.40 17.09
N ILE B 330 -6.17 30.42 17.31
CA ILE B 330 -5.14 30.83 16.36
C ILE B 330 -3.78 30.83 17.07
N VAL B 331 -2.95 29.86 16.71
CA VAL B 331 -1.59 29.82 17.22
C VAL B 331 -0.77 30.94 16.57
N ALA B 332 0.22 31.40 17.32
CA ALA B 332 1.20 32.34 16.83
C ALA B 332 2.47 32.22 17.66
N THR B 333 3.61 32.53 17.06
CA THR B 333 4.86 32.70 17.82
C THR B 333 5.20 34.19 17.83
N VAL B 334 6.10 34.57 18.72
CA VAL B 334 6.63 35.95 18.76
C VAL B 334 7.61 36.15 17.59
N ARG B 335 8.35 35.09 17.29
CA ARG B 335 9.39 35.11 16.26
C ARG B 335 8.79 35.09 14.84
N ALA B 336 7.67 34.40 14.68
CA ALA B 336 6.93 34.38 13.42
C ALA B 336 6.34 35.74 13.12
N LEU B 337 5.80 36.40 14.14
CA LEU B 337 5.27 37.75 13.97
C LEU B 337 6.39 38.74 13.69
N LYS B 338 7.58 38.47 14.24
CA LYS B 338 8.76 39.30 13.95
C LYS B 338 9.28 39.08 12.51
N MET B 339 9.12 37.89 11.93
CA MET B 339 9.41 37.69 10.49
C MET B 339 8.45 38.49 9.63
N HIS B 340 7.18 38.50 10.04
CA HIS B 340 6.15 39.35 9.43
C HIS B 340 6.40 40.83 9.73
N GLY B 341 7.20 41.10 10.76
CA GLY B 341 7.72 42.44 11.03
C GLY B 341 8.96 42.86 10.25
N GLY B 342 9.56 41.93 9.49
CA GLY B 342 10.73 42.23 8.63
C GLY B 342 12.05 41.59 9.07
N VAL B 343 12.12 41.17 10.32
CA VAL B 343 13.36 40.58 10.89
C VAL B 343 13.65 39.22 10.25
N PRO B 344 14.89 38.99 9.78
CA PRO B 344 15.20 37.71 9.13
C PRO B 344 15.38 36.56 10.14
N LYS B 345 15.42 35.33 9.62
CA LYS B 345 15.40 34.11 10.43
C LYS B 345 16.57 34.00 11.39
N SER B 346 17.74 34.51 10.98
CA SER B 346 18.97 34.42 11.77
C SER B 346 18.99 35.30 13.02
N ASP B 347 18.21 36.38 13.02
CA ASP B 347 18.33 37.42 14.05
C ASP B 347 17.23 37.40 15.12
N LEU B 348 16.40 36.36 15.14
CA LEU B 348 15.14 36.37 15.92
C LEU B 348 15.25 36.06 17.41
N ALA B 349 16.47 35.81 17.90
CA ALA B 349 16.70 35.70 19.34
C ALA B 349 16.77 37.09 19.93
N THR B 350 17.28 38.03 19.14
CA THR B 350 17.29 39.45 19.48
C THR B 350 15.87 39.93 19.77
N GLU B 351 15.68 40.67 20.86
CA GLU B 351 14.42 41.37 21.12
C GLU B 351 14.21 42.49 20.08
N ASN B 352 12.96 42.71 19.68
CA ASN B 352 12.62 43.75 18.70
C ASN B 352 11.15 44.18 18.79
N LEU B 353 10.85 45.07 19.75
CA LEU B 353 9.47 45.44 20.11
C LEU B 353 8.68 46.23 19.05
N GLU B 354 9.37 46.84 18.08
CA GLU B 354 8.66 47.47 16.96
C GLU B 354 8.26 46.41 15.93
N ALA B 355 9.20 45.54 15.54
CA ALA B 355 8.98 44.51 14.51
C ALA B 355 7.84 43.56 14.87
N LEU B 356 7.75 43.21 16.15
CA LEU B 356 6.61 42.46 16.69
C LEU B 356 5.28 43.25 16.62
N ARG B 357 5.38 44.59 16.68
CA ARG B 357 4.22 45.51 16.69
C ARG B 357 3.77 45.98 15.30
N GLU B 358 4.61 45.77 14.28
CA GLU B 358 4.18 45.91 12.87
C GLU B 358 3.84 44.53 12.30
N GLY B 359 4.47 43.48 12.84
CA GLY B 359 4.21 42.12 12.40
C GLY B 359 2.90 41.55 12.90
N PHE B 360 2.44 42.08 14.04
CA PHE B 360 1.18 41.66 14.64
C PHE B 360 -0.06 41.89 13.77
N ALA B 361 0.03 42.76 12.77
CA ALA B 361 -1.10 43.01 11.86
C ALA B 361 -1.55 41.76 11.09
N ASN B 362 -0.66 40.77 10.96
CA ASN B 362 -0.99 39.45 10.38
C ASN B 362 -2.03 38.71 11.25
N LEU B 363 -1.67 38.50 12.51
CA LEU B 363 -2.57 37.90 13.46
C LEU B 363 -3.88 38.71 13.59
N GLU B 364 -3.75 40.04 13.55
CA GLU B 364 -4.90 40.95 13.71
C GLU B 364 -5.89 40.79 12.55
N LYS B 365 -5.37 40.42 11.39
CA LYS B 365 -6.20 40.15 10.23
C LYS B 365 -6.90 38.80 10.40
N HIS B 366 -6.12 37.76 10.69
CA HIS B 366 -6.71 36.44 10.92
C HIS B 366 -7.84 36.49 11.93
N ILE B 367 -7.62 37.17 13.05
CA ILE B 367 -8.63 37.26 14.11
C ILE B 367 -9.90 37.96 13.60
N GLU B 368 -9.71 39.00 12.79
CA GLU B 368 -10.84 39.71 12.17
C GLU B 368 -11.53 38.77 11.18
N ASN B 369 -10.76 37.91 10.51
CA ASN B 369 -11.31 36.90 9.62
C ASN B 369 -12.14 35.84 10.36
N ILE B 370 -11.64 35.31 11.48
CA ILE B 370 -12.41 34.33 12.28
C ILE B 370 -13.74 34.93 12.73
N GLY B 371 -13.73 36.23 13.00
CA GLY B 371 -14.94 36.94 13.41
C GLY B 371 -15.97 37.04 12.30
N LYS B 372 -15.52 36.96 11.05
CA LYS B 372 -16.42 37.06 9.90
C LYS B 372 -17.27 35.79 9.72
N PHE B 373 -16.81 34.66 10.23
CA PHE B 373 -17.61 33.42 10.18
C PHE B 373 -18.57 33.31 11.36
N GLY B 374 -18.45 34.22 12.32
CA GLY B 374 -19.25 34.21 13.52
C GLY B 374 -18.72 33.19 14.51
N VAL B 375 -17.41 33.22 14.72
CA VAL B 375 -16.74 32.26 15.59
C VAL B 375 -15.86 33.02 16.60
N PRO B 376 -15.97 32.65 17.89
CA PRO B 376 -15.08 33.25 18.87
C PRO B 376 -13.62 32.76 18.75
N ALA B 377 -12.70 33.69 18.51
CA ALA B 377 -11.30 33.34 18.35
C ALA B 377 -10.56 33.45 19.66
N VAL B 378 -9.64 32.53 19.93
CA VAL B 378 -8.71 32.66 21.06
C VAL B 378 -7.28 32.44 20.56
N VAL B 379 -6.35 33.26 21.02
CA VAL B 379 -4.95 33.18 20.60
C VAL B 379 -4.14 32.27 21.50
N ALA B 380 -3.19 31.56 20.91
CA ALA B 380 -2.19 30.84 21.65
C ALA B 380 -0.81 31.32 21.18
N ILE B 381 0.02 31.76 22.12
CA ILE B 381 1.34 32.28 21.79
C ILE B 381 2.40 31.24 22.11
N ASN B 382 2.54 30.24 21.26
CA ASN B 382 3.54 29.17 21.43
C ASN B 382 4.85 29.72 22.02
N ALA B 383 5.07 29.46 23.31
CA ALA B 383 6.22 30.01 24.05
C ALA B 383 7.56 29.39 23.61
N PHE B 384 8.61 30.22 23.62
CA PHE B 384 9.94 29.82 23.12
C PHE B 384 11.05 30.45 23.97
N PRO B 385 12.15 29.71 24.28
CA PRO B 385 13.20 30.16 25.21
C PRO B 385 13.78 31.58 24.99
N THR B 386 13.86 32.03 23.74
CA THR B 386 14.47 33.33 23.41
C THR B 386 13.49 34.53 23.52
N ASP B 387 12.23 34.29 23.87
CA ASP B 387 11.20 35.34 23.96
C ASP B 387 11.35 36.16 25.23
N THR B 388 11.47 37.48 25.09
CA THR B 388 11.56 38.37 26.27
C THR B 388 10.18 38.56 26.91
N GLU B 389 10.18 39.03 28.15
CA GLU B 389 8.93 39.31 28.87
C GLU B 389 8.26 40.57 28.31
N ALA B 390 9.07 41.53 27.85
CA ALA B 390 8.53 42.72 27.21
C ALA B 390 7.85 42.35 25.89
N GLU B 391 8.49 41.48 25.12
CA GLU B 391 7.89 40.98 23.89
C GLU B 391 6.56 40.33 24.18
N LEU B 392 6.59 39.22 24.91
CA LEU B 392 5.38 38.48 25.29
C LEU B 392 4.27 39.42 25.76
N ASN B 393 4.65 40.40 26.59
CA ASN B 393 3.69 41.33 27.18
C ASN B 393 3.10 42.33 26.18
N LEU B 394 3.91 42.74 25.22
CA LEU B 394 3.40 43.57 24.15
C LEU B 394 2.32 42.82 23.37
N LEU B 395 2.51 41.50 23.26
CA LEU B 395 1.63 40.64 22.48
C LEU B 395 0.25 40.55 23.12
N TYR B 396 0.22 40.18 24.41
CA TYR B 396 -1.03 40.12 25.18
C TYR B 396 -1.85 41.39 24.88
N GLU B 397 -1.22 42.55 25.11
CA GLU B 397 -1.88 43.86 24.98
C GLU B 397 -2.49 44.03 23.60
N LEU B 398 -1.74 43.62 22.58
CA LEU B 398 -2.17 43.76 21.21
C LEU B 398 -3.35 42.83 20.89
N CYS B 399 -3.29 41.61 21.39
CA CYS B 399 -4.43 40.69 21.31
C CYS B 399 -5.64 41.27 22.05
N ALA B 400 -5.40 41.82 23.24
CA ALA B 400 -6.46 42.46 24.04
C ALA B 400 -7.07 43.65 23.32
N LYS B 401 -6.23 44.58 22.87
CA LYS B 401 -6.70 45.78 22.16
C LYS B 401 -7.48 45.42 20.88
N ALA B 402 -7.22 44.22 20.35
CA ALA B 402 -7.96 43.68 19.20
C ALA B 402 -9.25 42.96 19.59
N GLY B 403 -9.48 42.79 20.88
CA GLY B 403 -10.68 42.12 21.39
C GLY B 403 -10.65 40.63 21.19
N ALA B 404 -9.58 39.98 21.62
CA ALA B 404 -9.48 38.52 21.63
C ALA B 404 -8.82 38.06 22.93
N GLU B 405 -9.37 37.02 23.55
CA GLU B 405 -8.71 36.39 24.69
C GLU B 405 -7.44 35.71 24.20
N VAL B 406 -6.40 35.69 25.03
CA VAL B 406 -5.11 35.09 24.66
C VAL B 406 -4.53 34.38 25.86
N ALA B 407 -3.74 33.35 25.63
CA ALA B 407 -3.05 32.67 26.71
C ALA B 407 -1.69 32.15 26.26
N LEU B 408 -0.74 32.14 27.19
CA LEU B 408 0.56 31.51 26.96
C LEU B 408 0.39 30.00 27.08
N SER B 409 1.09 29.28 26.20
CA SER B 409 1.01 27.81 26.12
C SER B 409 2.41 27.18 26.05
N GLU B 410 2.75 26.41 27.08
CA GLU B 410 4.07 25.79 27.20
C GLU B 410 3.91 24.28 27.09
N VAL B 411 3.22 23.82 26.06
CA VAL B 411 2.92 22.40 25.92
C VAL B 411 4.12 21.60 25.43
N TRP B 412 4.88 22.18 24.50
CA TRP B 412 6.13 21.57 24.03
C TRP B 412 7.02 21.12 25.18
N ALA B 413 6.98 21.90 26.27
CA ALA B 413 7.79 21.66 27.45
C ALA B 413 6.95 21.01 28.56
N LYS B 414 5.89 21.70 28.99
CA LYS B 414 5.12 21.36 30.19
C LYS B 414 3.94 20.41 30.02
N GLY B 415 3.85 19.70 28.89
CA GLY B 415 2.76 18.77 28.65
C GLY B 415 1.40 19.41 28.74
N GLY B 416 0.43 18.67 29.25
CA GLY B 416 -0.92 19.17 29.41
C GLY B 416 -1.08 20.22 30.51
N GLU B 417 -0.15 20.31 31.47
CA GLU B 417 -0.14 21.41 32.47
C GLU B 417 0.17 22.78 31.82
N GLY B 418 1.07 22.79 30.83
CA GLY B 418 1.39 24.00 30.10
C GLY B 418 0.19 24.63 29.42
N GLY B 419 -0.77 23.80 29.03
CA GLY B 419 -1.94 24.26 28.27
C GLY B 419 -3.19 24.56 29.10
N LEU B 420 -3.07 24.55 30.41
CA LEU B 420 -4.23 24.80 31.28
C LEU B 420 -4.77 26.23 31.08
N GLU B 421 -3.86 27.20 30.99
CA GLU B 421 -4.26 28.60 30.90
C GLU B 421 -5.14 28.83 29.67
N LEU B 422 -4.72 28.28 28.53
CA LEU B 422 -5.51 28.36 27.29
C LEU B 422 -6.84 27.61 27.44
N ALA B 423 -6.73 26.37 27.89
CA ALA B 423 -7.88 25.47 28.03
C ALA B 423 -9.00 26.10 28.85
N ARG B 424 -8.62 26.86 29.87
CA ARG B 424 -9.60 27.60 30.68
C ARG B 424 -10.22 28.74 29.86
N LYS B 425 -9.39 29.53 29.19
CA LYS B 425 -9.87 30.64 28.37
C LYS B 425 -10.90 30.15 27.35
N VAL B 426 -10.63 28.98 26.78
CA VAL B 426 -11.51 28.33 25.82
C VAL B 426 -12.84 27.97 26.45
N LEU B 427 -12.78 27.23 27.54
CA LEU B 427 -13.98 26.85 28.30
C LEU B 427 -14.73 28.07 28.80
N GLN B 428 -14.01 29.12 29.14
CA GLN B 428 -14.63 30.40 29.51
C GLN B 428 -15.30 31.03 28.29
N THR B 429 -14.65 30.90 27.14
CA THR B 429 -15.23 31.37 25.89
C THR B 429 -16.41 30.51 25.47
N LEU B 430 -16.36 29.22 25.76
CA LEU B 430 -17.44 28.30 25.41
C LEU B 430 -18.67 28.44 26.32
N GLU B 431 -18.45 28.68 27.61
CA GLU B 431 -19.56 28.82 28.57
C GLU B 431 -20.32 30.13 28.39
N SER B 432 -19.68 31.15 27.81
CA SER B 432 -20.31 32.48 27.68
C SER B 432 -20.27 33.10 26.28
N ARG B 433 -19.36 32.64 25.41
CA ARG B 433 -19.22 33.21 24.06
C ARG B 433 -19.70 32.20 23.01
N PRO B 434 -21.02 32.12 22.79
CA PRO B 434 -21.56 31.16 21.83
C PRO B 434 -21.34 31.62 20.38
N SER B 435 -20.78 30.74 19.55
CA SER B 435 -20.52 31.08 18.15
C SER B 435 -21.82 31.16 17.37
N ASN B 436 -21.85 32.04 16.37
CA ASN B 436 -22.92 32.05 15.39
C ASN B 436 -22.35 31.77 14.00
N PHE B 437 -22.09 30.49 13.72
CA PHE B 437 -21.37 30.08 12.51
C PHE B 437 -22.11 30.40 11.21
N HIS B 438 -21.35 30.91 10.24
CA HIS B 438 -21.89 31.21 8.93
C HIS B 438 -20.75 31.06 7.92
N VAL B 439 -20.98 30.23 6.89
CA VAL B 439 -20.03 30.15 5.78
C VAL B 439 -19.89 31.54 5.14
N LEU B 440 -18.67 31.85 4.71
CA LEU B 440 -18.36 33.17 4.15
C LEU B 440 -19.16 33.49 2.89
N TYR B 441 -19.54 32.48 2.12
CA TYR B 441 -20.31 32.69 0.89
C TYR B 441 -21.39 31.63 0.68
N ASN B 442 -22.24 31.88 -0.30
CA ASN B 442 -23.31 30.96 -0.67
C ASN B 442 -22.96 30.30 -2.01
N LEU B 443 -23.36 29.04 -2.17
CA LEU B 443 -23.00 28.25 -3.37
C LEU B 443 -23.70 28.72 -4.64
N ASP B 444 -24.79 29.49 -4.47
CA ASP B 444 -25.64 29.92 -5.57
C ASP B 444 -25.04 31.08 -6.37
N LEU B 445 -23.92 31.63 -5.87
CA LEU B 445 -23.13 32.62 -6.63
C LEU B 445 -22.44 32.01 -7.86
N SER B 446 -21.94 32.87 -8.73
CA SER B 446 -21.06 32.43 -9.82
C SER B 446 -19.64 32.32 -9.29
N ILE B 447 -18.91 31.36 -9.83
CA ILE B 447 -17.54 31.09 -9.40
C ILE B 447 -16.78 32.37 -9.09
N LYS B 448 -16.70 33.29 -10.05
CA LYS B 448 -15.92 34.53 -9.89
C LYS B 448 -16.36 35.43 -8.73
N ASP B 449 -17.65 35.41 -8.41
CA ASP B 449 -18.12 36.15 -7.24
C ASP B 449 -17.66 35.47 -5.95
N LYS B 450 -17.49 34.15 -5.97
CA LYS B 450 -17.05 33.43 -4.78
C LYS B 450 -15.54 33.64 -4.52
N ILE B 451 -14.73 33.57 -5.57
CA ILE B 451 -13.31 33.89 -5.49
C ILE B 451 -13.11 35.32 -4.97
N ALA B 452 -13.98 36.23 -5.42
CA ALA B 452 -13.95 37.64 -5.05
C ALA B 452 -14.26 37.88 -3.57
N LYS B 453 -15.34 37.29 -3.06
CA LYS B 453 -15.72 37.46 -1.65
C LYS B 453 -14.67 36.79 -0.77
N ILE B 454 -14.00 35.77 -1.29
CA ILE B 454 -12.84 35.15 -0.65
C ILE B 454 -11.65 36.10 -0.70
N ALA B 455 -11.26 36.50 -1.91
CA ALA B 455 -10.12 37.39 -2.12
C ALA B 455 -10.22 38.68 -1.30
N THR B 456 -11.37 39.33 -1.34
CA THR B 456 -11.55 40.59 -0.63
C THR B 456 -11.58 40.40 0.89
N GLU B 457 -12.67 39.84 1.42
CA GLU B 457 -12.87 39.73 2.87
C GLU B 457 -11.67 39.12 3.61
N ILE B 458 -11.17 37.99 3.14
CA ILE B 458 -10.19 37.20 3.89
C ILE B 458 -8.75 37.60 3.59
N TYR B 459 -8.38 37.57 2.31
CA TYR B 459 -7.00 37.89 1.91
C TYR B 459 -6.75 39.40 1.93
N GLY B 460 -7.82 40.19 2.00
CA GLY B 460 -7.68 41.64 2.09
C GLY B 460 -7.21 42.26 0.80
N ALA B 461 -7.38 41.54 -0.31
CA ALA B 461 -6.98 42.01 -1.64
C ALA B 461 -8.02 43.00 -2.15
N ASP B 462 -7.59 43.87 -3.07
CA ASP B 462 -8.50 44.86 -3.64
C ASP B 462 -9.41 44.23 -4.70
N GLY B 463 -8.90 43.23 -5.42
CA GLY B 463 -9.65 42.56 -6.47
C GLY B 463 -8.92 41.35 -7.05
N VAL B 464 -9.51 40.73 -8.08
CA VAL B 464 -8.99 39.49 -8.68
C VAL B 464 -8.85 39.64 -10.19
N ASN B 465 -7.81 39.04 -10.78
CA ASN B 465 -7.66 39.06 -12.23
C ASN B 465 -7.66 37.66 -12.78
N TYR B 466 -7.90 37.53 -14.08
CA TYR B 466 -8.03 36.20 -14.69
C TYR B 466 -7.35 36.14 -16.04
N THR B 467 -6.42 35.20 -16.22
CA THR B 467 -5.85 34.93 -17.55
C THR B 467 -6.94 34.44 -18.49
N ALA B 468 -6.63 34.42 -19.78
CA ALA B 468 -7.55 33.89 -20.79
C ALA B 468 -7.96 32.45 -20.45
N GLU B 469 -6.95 31.63 -20.13
CA GLU B 469 -7.11 30.21 -19.77
C GLU B 469 -8.08 30.05 -18.59
N ALA B 470 -7.97 30.93 -17.60
CA ALA B 470 -8.85 30.93 -16.45
C ALA B 470 -10.29 31.28 -16.84
N ASP B 471 -10.48 32.38 -17.58
CA ASP B 471 -11.81 32.79 -18.08
C ASP B 471 -12.51 31.67 -18.89
N LYS B 472 -11.75 31.06 -19.82
CA LYS B 472 -12.25 29.96 -20.67
C LYS B 472 -12.56 28.69 -19.85
N ALA B 473 -11.65 28.31 -18.96
CA ALA B 473 -11.88 27.14 -18.09
C ALA B 473 -13.14 27.32 -17.22
N ILE B 474 -13.36 28.55 -16.75
CA ILE B 474 -14.54 28.89 -15.95
C ILE B 474 -15.78 28.88 -16.81
N GLN B 475 -15.71 29.61 -17.92
CA GLN B 475 -16.74 29.59 -18.93
C GLN B 475 -17.23 28.16 -19.16
N ARG B 476 -16.29 27.26 -19.43
CA ARG B 476 -16.61 25.86 -19.71
C ARG B 476 -17.18 25.16 -18.48
N TYR B 477 -16.48 25.25 -17.35
CA TYR B 477 -16.95 24.60 -16.12
C TYR B 477 -18.35 25.05 -15.79
N GLU B 478 -18.55 26.36 -15.73
CA GLU B 478 -19.86 26.91 -15.46
C GLU B 478 -20.83 26.35 -16.50
N SER B 479 -20.37 26.20 -17.75
CA SER B 479 -21.19 25.70 -18.87
C SER B 479 -21.61 24.24 -18.70
N LEU B 480 -20.80 23.49 -17.96
CA LEU B 480 -21.11 22.08 -17.66
C LEU B 480 -21.91 21.94 -16.36
N GLY B 481 -22.44 23.05 -15.83
CA GLY B 481 -23.22 23.04 -14.59
C GLY B 481 -22.44 22.72 -13.31
N TYR B 482 -21.12 22.88 -13.34
CA TYR B 482 -20.32 22.80 -12.12
C TYR B 482 -20.06 24.18 -11.52
N GLY B 483 -20.87 25.19 -11.90
CA GLY B 483 -20.72 26.53 -11.36
C GLY B 483 -21.09 26.64 -9.88
N ASN B 484 -22.12 25.89 -9.46
CA ASN B 484 -22.66 25.96 -8.10
C ASN B 484 -21.87 25.12 -7.10
N LEU B 485 -20.55 25.25 -7.13
CA LEU B 485 -19.68 24.49 -6.24
C LEU B 485 -18.83 25.43 -5.37
N PRO B 486 -18.43 24.96 -4.16
CA PRO B 486 -17.52 25.73 -3.30
C PRO B 486 -16.16 25.97 -3.95
N VAL B 487 -15.32 26.80 -3.34
CA VAL B 487 -14.06 27.20 -3.99
C VAL B 487 -12.87 27.00 -3.07
N VAL B 488 -11.83 26.40 -3.63
CA VAL B 488 -10.67 25.95 -2.88
C VAL B 488 -9.42 26.60 -3.48
N MET B 489 -8.98 27.71 -2.88
CA MET B 489 -7.94 28.54 -3.49
C MET B 489 -6.57 27.91 -3.36
N ALA B 490 -5.94 27.66 -4.52
CA ALA B 490 -4.56 27.15 -4.57
C ALA B 490 -3.53 28.29 -4.70
N LYS B 491 -3.00 28.70 -3.55
CA LYS B 491 -2.21 29.91 -3.43
C LYS B 491 -1.05 29.58 -2.51
N THR B 492 0.00 30.38 -2.57
CA THR B 492 1.10 30.23 -1.64
C THR B 492 0.59 30.56 -0.24
N GLN B 493 1.06 29.81 0.74
CA GLN B 493 0.58 29.93 2.12
C GLN B 493 1.37 30.96 2.88
N TYR B 494 2.45 31.44 2.27
CA TYR B 494 3.42 32.31 2.95
C TYR B 494 3.04 33.79 2.97
N SER B 495 1.94 34.14 2.31
CA SER B 495 1.40 35.49 2.31
C SER B 495 -0.11 35.43 2.34
N PHE B 496 -0.75 36.53 2.71
CA PHE B 496 -2.18 36.68 2.46
C PHE B 496 -2.42 36.74 0.95
N SER B 497 -1.45 37.31 0.23
CA SER B 497 -1.52 37.46 -1.22
C SER B 497 -0.98 36.24 -1.93
N ASP B 498 -0.84 36.36 -3.25
CA ASP B 498 -0.28 35.31 -4.07
C ASP B 498 1.20 35.51 -4.30
N ASP B 499 1.81 36.35 -3.49
CA ASP B 499 3.22 36.66 -3.62
C ASP B 499 3.88 36.26 -2.31
N MET B 500 4.78 35.28 -2.33
CA MET B 500 5.40 34.76 -1.09
C MET B 500 6.33 35.78 -0.40
N THR B 501 6.72 36.82 -1.12
CA THR B 501 7.57 37.88 -0.60
C THR B 501 6.78 38.84 0.32
N LYS B 502 5.48 38.94 0.12
CA LYS B 502 4.67 39.91 0.86
C LYS B 502 4.26 39.40 2.24
N LEU B 503 5.13 39.63 3.23
CA LEU B 503 4.84 39.28 4.61
C LEU B 503 3.96 40.34 5.26
N GLY B 504 3.66 40.16 6.55
CA GLY B 504 2.91 41.13 7.31
C GLY B 504 1.46 41.16 6.87
N ARG B 505 0.88 42.36 6.81
CA ARG B 505 -0.47 42.55 6.26
C ARG B 505 -0.39 43.46 5.03
N PRO B 506 -0.17 42.85 3.84
CA PRO B 506 -0.13 43.63 2.59
C PRO B 506 -1.48 44.30 2.27
N ARG B 507 -1.43 45.61 1.96
CA ARG B 507 -2.58 46.38 1.50
C ARG B 507 -2.46 46.64 0.01
N ASN B 508 -3.54 47.14 -0.57
CA ASN B 508 -3.54 47.70 -1.92
C ASN B 508 -2.91 46.79 -2.97
N PHE B 509 -3.31 45.51 -2.96
CA PHE B 509 -2.79 44.52 -3.91
C PHE B 509 -3.92 43.78 -4.62
N THR B 510 -3.56 42.84 -5.51
CA THR B 510 -4.55 42.00 -6.18
C THR B 510 -4.10 40.53 -6.28
N ILE B 511 -5.08 39.63 -6.36
CA ILE B 511 -4.81 38.25 -6.72
C ILE B 511 -4.99 38.12 -8.23
N THR B 512 -4.18 37.25 -8.84
CA THR B 512 -4.31 36.91 -10.27
C THR B 512 -4.53 35.41 -10.41
N VAL B 513 -5.63 35.02 -11.04
CA VAL B 513 -5.91 33.59 -11.23
C VAL B 513 -5.43 33.09 -12.61
N ARG B 514 -4.33 32.36 -12.58
CA ARG B 514 -3.74 31.87 -13.81
C ARG B 514 -4.61 30.76 -14.38
N GLU B 515 -4.98 29.81 -13.53
CA GLU B 515 -5.53 28.54 -13.99
C GLU B 515 -6.64 28.11 -13.06
N VAL B 516 -7.58 27.31 -13.58
CA VAL B 516 -8.64 26.74 -12.76
C VAL B 516 -8.87 25.27 -13.07
N ARG B 517 -8.83 24.43 -12.03
CA ARG B 517 -9.04 23.00 -12.19
C ARG B 517 -10.31 22.61 -11.46
N LEU B 518 -10.75 21.38 -11.68
CA LEU B 518 -12.00 20.89 -11.12
C LEU B 518 -11.75 19.66 -10.23
N SER B 519 -12.65 19.45 -9.27
CA SER B 519 -12.66 18.21 -8.53
C SER B 519 -14.13 17.88 -8.31
N ALA B 520 -14.76 17.41 -9.38
CA ALA B 520 -16.18 17.01 -9.35
C ALA B 520 -16.44 15.87 -8.37
N GLY B 521 -15.42 15.08 -8.08
CA GLY B 521 -15.50 14.00 -7.10
C GLY B 521 -15.49 14.52 -5.68
N ALA B 522 -14.56 15.42 -5.37
CA ALA B 522 -14.55 16.09 -4.06
C ALA B 522 -15.61 17.17 -4.00
N GLY B 523 -16.10 17.59 -5.16
CA GLY B 523 -17.17 18.53 -5.26
C GLY B 523 -16.75 19.97 -5.02
N PHE B 524 -15.61 20.39 -5.56
CA PHE B 524 -15.24 21.81 -5.52
C PHE B 524 -14.38 22.25 -6.71
N ILE B 525 -14.27 23.56 -6.86
CA ILE B 525 -13.45 24.19 -7.90
C ILE B 525 -12.15 24.68 -7.28
N VAL B 526 -11.07 24.56 -8.03
CA VAL B 526 -9.72 24.87 -7.55
C VAL B 526 -9.10 25.96 -8.40
N PRO B 527 -9.21 27.22 -7.97
CA PRO B 527 -8.48 28.28 -8.67
C PRO B 527 -6.99 28.29 -8.26
N ILE B 528 -6.10 28.45 -9.23
CA ILE B 528 -4.67 28.45 -8.96
C ILE B 528 -4.03 29.81 -9.24
N THR B 529 -3.28 30.34 -8.26
CA THR B 529 -2.59 31.63 -8.42
C THR B 529 -1.09 31.47 -8.69
N GLY B 530 -0.42 30.67 -7.87
CA GLY B 530 0.97 30.27 -8.15
C GLY B 530 0.99 29.04 -9.03
N ALA B 531 2.13 28.36 -9.10
CA ALA B 531 2.19 27.03 -9.68
C ALA B 531 2.31 26.14 -8.47
N ILE B 532 1.50 25.08 -8.42
CA ILE B 532 1.47 24.20 -7.25
C ILE B 532 2.33 22.94 -7.40
N MET B 533 3.14 22.65 -6.38
CA MET B 533 3.99 21.46 -6.38
C MET B 533 3.24 20.25 -5.84
N THR B 534 2.73 19.42 -6.74
CA THR B 534 1.96 18.21 -6.35
C THR B 534 2.86 16.96 -6.20
N MET B 535 4.17 17.14 -6.37
CA MET B 535 5.14 16.06 -6.24
C MET B 535 6.47 16.69 -5.90
N PRO B 536 6.75 16.88 -4.59
CA PRO B 536 8.08 17.35 -4.24
C PRO B 536 9.11 16.27 -4.55
N GLY B 537 10.38 16.62 -4.38
CA GLY B 537 11.49 15.68 -4.62
C GLY B 537 12.39 15.51 -3.41
N LEU B 538 13.21 14.46 -3.45
CA LEU B 538 14.19 14.26 -2.40
C LEU B 538 15.22 15.36 -2.55
N PRO B 539 15.95 15.68 -1.47
CA PRO B 539 17.08 16.66 -1.49
C PRO B 539 18.45 16.06 -1.90
N LYS B 540 19.54 16.83 -1.80
CA LYS B 540 20.87 16.30 -2.18
C LYS B 540 21.43 15.26 -1.23
N ARG B 541 21.40 15.56 0.08
CA ARG B 541 21.70 14.55 1.09
C ARG B 541 20.38 14.08 1.74
N PRO B 542 19.71 13.10 1.11
CA PRO B 542 18.46 12.62 1.71
C PRO B 542 18.67 11.80 2.99
N ALA B 543 17.59 11.66 3.75
CA ALA B 543 17.59 10.99 5.05
C ALA B 543 17.42 9.48 4.91
N ALA B 544 17.10 9.02 3.71
CA ALA B 544 17.06 7.58 3.41
C ALA B 544 18.45 6.94 3.43
N CYS B 545 19.47 7.75 3.16
CA CYS B 545 20.88 7.32 3.14
C CYS B 545 21.48 7.02 4.53
N ASN B 546 20.98 7.67 5.59
CA ASN B 546 21.46 7.40 6.96
C ASN B 546 20.42 6.69 7.82
N ILE B 547 19.28 6.36 7.22
CA ILE B 547 18.25 5.58 7.89
C ILE B 547 18.69 4.13 7.93
N ASP B 548 18.56 3.53 9.11
CA ASP B 548 19.05 2.18 9.36
C ASP B 548 18.26 1.56 10.51
N ILE B 549 18.15 0.25 10.46
CA ILE B 549 17.49 -0.51 11.50
C ILE B 549 18.39 -1.71 11.73
N ASP B 550 18.69 -2.00 13.00
CA ASP B 550 19.67 -3.03 13.28
C ASP B 550 19.03 -4.32 13.77
N ALA B 551 19.87 -5.31 14.07
CA ALA B 551 19.42 -6.61 14.56
C ALA B 551 18.39 -6.58 15.69
N ASP B 552 18.31 -5.48 16.44
CA ASP B 552 17.35 -5.37 17.55
C ASP B 552 16.09 -4.52 17.28
N GLY B 553 15.92 -4.08 16.03
CA GLY B 553 14.85 -3.18 15.69
C GLY B 553 15.06 -1.73 16.15
N VAL B 554 16.27 -1.38 16.58
CA VAL B 554 16.60 0.00 16.93
C VAL B 554 16.73 0.76 15.65
N ILE B 555 16.11 1.92 15.59
CA ILE B 555 16.09 2.68 14.35
C ILE B 555 16.80 4.02 14.49
N THR B 556 17.91 4.18 13.78
CA THR B 556 18.58 5.47 13.70
C THR B 556 18.23 6.14 12.40
N GLY B 557 18.52 7.43 12.34
CA GLY B 557 18.47 8.21 11.10
C GLY B 557 17.11 8.70 10.66
N LEU B 558 16.05 8.23 11.31
CA LEU B 558 14.68 8.44 10.84
C LEU B 558 14.18 9.83 11.22
N PHE B 559 14.23 10.11 12.52
CA PHE B 559 13.70 11.34 13.07
C PHE B 559 14.83 12.21 13.62
#